data_9DGY
#
_entry.id   9DGY
#
_cell.length_a   1.00
_cell.length_b   1.00
_cell.length_c   1.00
_cell.angle_alpha   90.00
_cell.angle_beta   90.00
_cell.angle_gamma   90.00
#
_symmetry.space_group_name_H-M   'P 1'
#
loop_
_entity.id
_entity.type
_entity.pdbx_description
1 polymer 'ATP-dependent DNA helicase UvrD1'
2 polymer 'DNA (18-MER)'
3 polymer 'DNA (28-MER)'
#
loop_
_entity_poly.entity_id
_entity_poly.type
_entity_poly.pdbx_seq_one_letter_code
_entity_poly.pdbx_strand_id
1 'polypeptide(L)'
;MSVHATDAKPPGPSPADQLLDGLNPQQRQAVVHEGSPLLIVAGAGSGKTAVLTRRIAYLMAARGVGVGQILAITFTNKAA
AEMRERVVGLVGEKARYMWVSTFHSTCVRILRNQAALIEGLNSNFSIYDADDSRRLLQMVGRDLGLDIKRYSPRLLANAI
SNLKNELIDPHQALAGLTEDSDDLARAVASVYDEYQRRLRAANALDFDDLIGETVAVLQAFPQIAQYYRRRFRHVLVDEY
QDTNHAQYVLVRELVGRDSNDGIPPGELCVVGDADQSIYAFRGATIRNIEDFERDYPDTRTILLEQNYRSTQNILSAANS
VIARNAGRREKRLWTDAGAGELIVGYVADNEHDEARFVAEEIDALAEGSEITYNDVAVFYRTNNSSRSLEEVLIRAGIPY
KVVGGVRFYERKEIRDIVAYLRVLDNPGDAVSLRRILNTPRRGIGDRAEACVAVYAENTGVGFGDALVAAAQGKVPMLNT
RAEKAIAGFVEMFDELRGRLDDDLGELVEAVLERTGYRRELEASTDPQELARLDNLNELVSVAHEFSTDRENAAALGPDD
EDVPDTGVLADFLERVSLVADADEIPEHGAGVVTLMTLHTAKGLEFPVVFVTGWEDGMFPHMRALDNPTELSEERRLAYV
GITRARQRLYVSRAIVRSSWGQPMLNPESRFLREIPQELIDWRRTAPKPSFSAPVSGAGRFGSARPSPTRSGASRRPLLV
LQVGDRVTHDKYGLGRVEEVSGVGESAMSLIDFGSSGRVKLMHNHAPVTKL
;
C
2 'polydeoxyribonucleotide' (DG)(DC)(DC)(DC)(DT)(DG)(DC)(DT)(DG)(DC)(DC)(DG)(DA)(DC)(DC)(DA)(DA)(DC) X
3 'polydeoxyribonucleotide'
;(DG)(DT)(DT)(DG)(DG)(DT)(DC)(DG)(DG)(DC)(DA)(DG)(DC)(DA)(DG)(DG)(DG)(DC)(DT)(DT)
(DT)(DT)(DT)(DT)(DT)(DT)(DT)(DT)
;
Y
#
loop_
_chem_comp.id
_chem_comp.type
_chem_comp.name
_chem_comp.formula
DA DNA linking 2'-DEOXYADENOSINE-5'-MONOPHOSPHATE 'C10 H14 N5 O6 P'
DC DNA linking 2'-DEOXYCYTIDINE-5'-MONOPHOSPHATE 'C9 H14 N3 O7 P'
DG DNA linking 2'-DEOXYGUANOSINE-5'-MONOPHOSPHATE 'C10 H14 N5 O7 P'
DT DNA linking THYMIDINE-5'-MONOPHOSPHATE 'C10 H15 N2 O8 P'
#
# COMPACT_ATOMS: atom_id res chain seq x y z
N ALA A 16 -36.11 3.01 -6.44
CA ALA A 16 -35.12 2.82 -5.39
C ALA A 16 -35.50 1.66 -4.47
N ASP A 17 -36.81 1.44 -4.32
CA ASP A 17 -37.33 0.40 -3.45
C ASP A 17 -37.92 -0.78 -4.22
N GLN A 18 -37.53 -0.94 -5.49
CA GLN A 18 -38.06 -2.01 -6.32
C GLN A 18 -37.10 -3.17 -6.50
N LEU A 19 -35.91 -3.11 -5.92
CA LEU A 19 -34.87 -4.12 -6.08
C LEU A 19 -34.26 -4.47 -4.74
N LEU A 20 -35.11 -4.79 -3.76
CA LEU A 20 -34.66 -5.06 -2.40
C LEU A 20 -35.19 -6.38 -1.83
N ASP A 21 -35.01 -7.48 -2.55
CA ASP A 21 -35.08 -8.89 -2.12
C ASP A 21 -34.73 -9.79 -3.29
N GLY A 22 -34.45 -11.06 -2.98
CA GLY A 22 -34.35 -12.08 -4.00
C GLY A 22 -33.29 -13.15 -3.82
N LEU A 23 -32.13 -12.81 -3.26
CA LEU A 23 -31.01 -13.75 -3.21
C LEU A 23 -30.28 -13.59 -1.88
N ASN A 24 -29.05 -14.12 -1.83
CA ASN A 24 -28.16 -14.20 -0.69
C ASN A 24 -27.92 -12.85 -0.02
N PRO A 25 -27.50 -12.83 1.24
CA PRO A 25 -27.12 -11.58 1.91
C PRO A 25 -25.69 -11.12 1.65
N GLN A 26 -24.97 -11.77 0.73
CA GLN A 26 -23.53 -11.61 0.60
C GLN A 26 -23.14 -10.21 0.13
N GLN A 27 -23.54 -9.84 -1.09
CA GLN A 27 -23.35 -8.48 -1.56
C GLN A 27 -24.40 -7.53 -1.00
N ARG A 28 -25.43 -8.07 -0.34
CA ARG A 28 -26.35 -7.26 0.44
C ARG A 28 -25.50 -6.49 1.44
N GLN A 29 -24.91 -7.21 2.38
CA GLN A 29 -24.09 -6.49 3.35
C GLN A 29 -22.74 -6.20 2.71
N ALA A 30 -22.77 -5.72 1.48
CA ALA A 30 -21.60 -5.15 0.82
C ALA A 30 -21.89 -3.86 0.05
N VAL A 31 -23.10 -3.63 -0.47
CA VAL A 31 -23.20 -2.50 -1.38
C VAL A 31 -24.23 -1.41 -1.03
N VAL A 32 -25.55 -1.69 -1.03
CA VAL A 32 -26.42 -0.50 -1.07
C VAL A 32 -27.44 -0.26 0.06
N HIS A 33 -28.52 -1.04 0.20
CA HIS A 33 -29.68 -0.49 0.92
C HIS A 33 -30.53 -1.49 1.71
N GLU A 34 -30.34 -1.51 3.03
CA GLU A 34 -31.22 -2.23 3.95
C GLU A 34 -30.79 -1.88 5.38
N GLY A 35 -31.46 -2.48 6.35
CA GLY A 35 -31.15 -2.30 7.76
C GLY A 35 -30.42 -3.49 8.36
N SER A 36 -30.62 -3.68 9.67
CA SER A 36 -30.11 -4.78 10.48
C SER A 36 -28.60 -4.72 10.65
N PRO A 37 -28.06 -5.16 11.80
CA PRO A 37 -26.61 -5.08 12.03
C PRO A 37 -25.80 -5.96 11.10
N LEU A 38 -24.48 -5.96 11.24
CA LEU A 38 -23.64 -6.63 10.27
C LEU A 38 -22.40 -7.24 10.89
N LEU A 39 -22.21 -8.54 10.61
CA LEU A 39 -20.92 -9.20 10.67
C LEU A 39 -21.00 -10.41 9.75
N ILE A 40 -20.42 -10.31 8.56
CA ILE A 40 -20.42 -11.40 7.60
C ILE A 40 -19.31 -12.38 7.94
N VAL A 41 -19.66 -13.64 8.09
CA VAL A 41 -18.70 -14.74 8.02
C VAL A 41 -18.65 -15.15 6.55
N ALA A 42 -17.55 -14.82 5.89
CA ALA A 42 -17.53 -14.72 4.43
C ALA A 42 -17.92 -16.03 3.74
N GLY A 43 -18.79 -15.91 2.74
CA GLY A 43 -19.18 -17.01 1.89
C GLY A 43 -18.66 -16.84 0.48
N ALA A 44 -19.52 -16.35 -0.42
CA ALA A 44 -19.17 -16.18 -1.83
C ALA A 44 -19.11 -14.73 -2.28
N GLY A 45 -20.08 -13.91 -1.89
CA GLY A 45 -20.15 -12.55 -2.40
C GLY A 45 -20.44 -12.48 -3.89
N SER A 46 -21.25 -13.40 -4.41
CA SER A 46 -21.46 -13.52 -5.84
C SER A 46 -22.79 -12.91 -6.30
N GLY A 47 -23.90 -13.39 -5.74
CA GLY A 47 -25.21 -12.89 -6.11
C GLY A 47 -25.31 -11.39 -6.00
N LYS A 48 -25.94 -10.74 -6.99
CA LYS A 48 -25.91 -9.29 -7.03
C LYS A 48 -27.24 -8.59 -7.27
N THR A 49 -28.20 -9.22 -7.97
CA THR A 49 -29.34 -8.53 -8.59
C THR A 49 -29.99 -7.48 -7.70
N ALA A 50 -30.60 -7.91 -6.61
CA ALA A 50 -31.01 -7.02 -5.53
C ALA A 50 -30.06 -7.11 -4.35
N VAL A 51 -29.19 -8.11 -4.37
CA VAL A 51 -28.26 -8.40 -3.30
C VAL A 51 -27.44 -7.13 -3.05
N LEU A 52 -26.64 -6.72 -4.04
CA LEU A 52 -25.84 -5.51 -3.87
C LEU A 52 -26.72 -4.34 -3.48
N THR A 53 -27.92 -4.26 -4.04
CA THR A 53 -28.81 -3.15 -3.79
C THR A 53 -29.29 -3.07 -2.35
N ARG A 54 -29.14 -4.12 -1.55
CA ARG A 54 -29.92 -4.18 -0.32
C ARG A 54 -29.09 -4.40 0.98
N ARG A 55 -28.01 -3.64 1.26
CA ARG A 55 -27.81 -3.27 2.68
C ARG A 55 -27.23 -1.89 3.02
N ILE A 56 -26.16 -1.47 2.34
CA ILE A 56 -25.07 -0.76 3.03
C ILE A 56 -25.28 0.74 3.11
N ALA A 57 -25.63 1.42 2.02
CA ALA A 57 -25.83 2.87 2.12
C ALA A 57 -26.98 3.19 3.06
N TYR A 58 -28.03 2.37 3.04
CA TYR A 58 -29.12 2.56 4.00
C TYR A 58 -28.67 2.28 5.43
N LEU A 59 -27.82 1.26 5.63
CA LEU A 59 -27.26 1.05 6.95
C LEU A 59 -26.47 2.27 7.42
N MET A 60 -25.66 2.84 6.54
CA MET A 60 -24.80 3.96 6.92
C MET A 60 -25.59 5.24 7.15
N ALA A 61 -26.68 5.44 6.43
CA ALA A 61 -27.50 6.65 6.54
C ALA A 61 -28.75 6.42 7.38
N ALA A 62 -28.83 5.30 8.10
CA ALA A 62 -30.03 4.97 8.85
C ALA A 62 -30.32 5.95 9.98
N ARG A 63 -29.31 6.66 10.50
CA ARG A 63 -29.50 7.54 11.64
C ARG A 63 -29.04 8.97 11.35
N GLY A 64 -29.33 9.48 10.15
CA GLY A 64 -28.94 10.84 9.80
C GLY A 64 -27.44 11.03 9.87
N VAL A 65 -26.70 10.10 9.26
CA VAL A 65 -25.26 9.98 9.44
C VAL A 65 -24.57 10.46 8.17
N GLY A 66 -23.72 11.48 8.29
CA GLY A 66 -23.11 12.14 7.17
C GLY A 66 -21.62 11.84 7.03
N VAL A 67 -20.98 12.65 6.18
CA VAL A 67 -19.56 12.44 5.88
C VAL A 67 -18.69 12.65 7.12
N GLY A 68 -19.00 13.67 7.91
CA GLY A 68 -18.33 13.83 9.19
C GLY A 68 -18.71 12.79 10.21
N GLN A 69 -19.69 11.96 9.89
CA GLN A 69 -20.16 10.88 10.75
C GLN A 69 -19.94 9.51 10.14
N ILE A 70 -19.30 9.43 8.97
CA ILE A 70 -19.05 8.18 8.27
C ILE A 70 -17.55 8.07 7.98
N LEU A 71 -17.01 6.87 8.18
CA LEU A 71 -15.62 6.59 7.87
C LEU A 71 -15.47 5.13 7.46
N ALA A 72 -14.46 4.86 6.63
CA ALA A 72 -14.15 3.51 6.17
C ALA A 72 -12.66 3.24 6.37
N ILE A 73 -12.24 2.04 5.96
CA ILE A 73 -10.89 1.54 6.22
C ILE A 73 -10.21 1.23 4.90
N THR A 74 -9.09 1.91 4.64
CA THR A 74 -8.21 1.57 3.52
C THR A 74 -6.76 1.76 3.97
N PHE A 75 -5.90 0.80 3.63
CA PHE A 75 -4.47 1.02 3.80
C PHE A 75 -3.88 1.66 2.55
N THR A 76 -4.01 0.99 1.42
CA THR A 76 -3.87 1.60 0.10
C THR A 76 -5.25 1.66 -0.53
N ASN A 77 -5.58 2.80 -1.13
CA ASN A 77 -6.94 3.09 -1.55
C ASN A 77 -7.35 2.38 -2.84
N LYS A 78 -6.60 1.36 -3.27
CA LYS A 78 -7.02 0.59 -4.44
C LYS A 78 -8.33 -0.14 -4.17
N ALA A 79 -8.52 -0.66 -2.95
CA ALA A 79 -9.79 -1.26 -2.61
C ALA A 79 -10.92 -0.24 -2.66
N ALA A 80 -10.65 0.98 -2.19
CA ALA A 80 -11.65 2.04 -2.29
C ALA A 80 -11.98 2.33 -3.74
N ALA A 81 -10.97 2.38 -4.61
CA ALA A 81 -11.21 2.61 -6.03
C ALA A 81 -12.03 1.47 -6.64
N GLU A 82 -11.74 0.23 -6.25
CA GLU A 82 -12.49 -0.91 -6.77
C GLU A 82 -13.96 -0.86 -6.33
N MET A 83 -14.23 -0.50 -5.08
CA MET A 83 -15.62 -0.41 -4.66
C MET A 83 -16.31 0.78 -5.32
N ARG A 84 -15.57 1.87 -5.55
CA ARG A 84 -16.09 2.96 -6.37
C ARG A 84 -16.52 2.45 -7.73
N GLU A 85 -15.67 1.66 -8.38
CA GLU A 85 -15.98 1.12 -9.70
C GLU A 85 -17.22 0.23 -9.65
N ARG A 86 -17.27 -0.67 -8.67
CA ARG A 86 -18.41 -1.58 -8.56
C ARG A 86 -19.71 -0.82 -8.33
N VAL A 87 -19.68 0.19 -7.47
CA VAL A 87 -20.90 0.94 -7.16
C VAL A 87 -21.32 1.79 -8.35
N VAL A 88 -20.38 2.46 -9.02
CA VAL A 88 -20.76 3.28 -10.16
C VAL A 88 -21.21 2.42 -11.33
N GLY A 89 -20.76 1.16 -11.40
CA GLY A 89 -21.17 0.28 -12.47
C GLY A 89 -22.52 -0.37 -12.25
N LEU A 90 -22.66 -1.13 -11.16
CA LEU A 90 -23.90 -1.86 -10.90
C LEU A 90 -24.89 -1.09 -10.03
N VAL A 91 -24.54 0.13 -9.62
CA VAL A 91 -25.38 0.96 -8.77
C VAL A 91 -25.57 2.32 -9.45
N GLY A 92 -24.46 2.93 -9.85
CA GLY A 92 -24.53 4.21 -10.53
C GLY A 92 -24.33 5.44 -9.66
N GLU A 93 -23.19 5.50 -8.95
CA GLU A 93 -22.52 6.72 -8.45
C GLU A 93 -22.30 6.70 -6.94
N LYS A 94 -23.27 6.16 -6.20
CA LYS A 94 -23.40 6.38 -4.75
C LYS A 94 -22.08 6.48 -3.99
N ALA A 95 -21.14 5.59 -4.28
CA ALA A 95 -19.92 5.51 -3.47
C ALA A 95 -19.01 6.72 -3.68
N ARG A 96 -19.03 7.32 -4.87
CA ARG A 96 -18.01 8.32 -5.22
C ARG A 96 -18.04 9.52 -4.28
N TYR A 97 -19.23 10.08 -4.04
CA TYR A 97 -19.32 11.24 -3.16
C TYR A 97 -19.31 10.84 -1.69
N MET A 98 -19.56 9.57 -1.37
CA MET A 98 -19.66 9.16 0.01
C MET A 98 -18.28 8.85 0.58
N TRP A 99 -18.14 9.03 1.89
CA TRP A 99 -16.84 9.08 2.57
C TRP A 99 -16.27 7.68 2.75
N VAL A 100 -15.66 7.17 1.69
CA VAL A 100 -14.77 6.01 1.76
C VAL A 100 -13.49 6.40 1.03
N SER A 101 -12.54 7.00 1.73
CA SER A 101 -11.22 7.23 1.17
C SER A 101 -10.12 6.57 1.99
N THR A 102 -10.00 6.90 3.28
CA THR A 102 -8.95 6.43 4.18
C THR A 102 -9.24 7.03 5.55
N PHE A 103 -8.60 6.47 6.58
CA PHE A 103 -8.52 7.16 7.86
C PHE A 103 -7.87 8.52 7.69
N HIS A 104 -6.77 8.57 6.94
CA HIS A 104 -5.95 9.78 6.88
C HIS A 104 -6.71 10.98 6.33
N SER A 105 -7.77 10.76 5.55
CA SER A 105 -8.56 11.89 5.06
C SER A 105 -9.12 12.70 6.23
N THR A 106 -9.98 12.09 7.04
CA THR A 106 -10.55 12.80 8.18
C THR A 106 -9.48 13.12 9.22
N CYS A 107 -8.51 12.22 9.42
CA CYS A 107 -7.44 12.48 10.37
C CYS A 107 -6.73 13.78 10.04
N VAL A 108 -6.33 13.97 8.79
CA VAL A 108 -5.63 15.19 8.38
C VAL A 108 -6.58 16.39 8.37
N ARG A 109 -7.83 16.22 7.91
CA ARG A 109 -8.71 17.38 7.81
C ARG A 109 -9.01 17.97 9.18
N ILE A 110 -8.96 17.14 10.23
CA ILE A 110 -9.17 17.70 11.57
C ILE A 110 -7.86 17.93 12.33
N LEU A 111 -6.78 17.26 11.95
CA LEU A 111 -5.49 17.56 12.55
C LEU A 111 -4.92 18.88 12.03
N ARG A 112 -5.32 19.31 10.83
CA ARG A 112 -4.94 20.63 10.35
C ARG A 112 -5.44 21.72 11.28
N ASN A 113 -6.45 21.42 12.09
CA ASN A 113 -6.97 22.33 13.11
C ASN A 113 -6.44 22.04 14.50
N GLN A 114 -6.31 20.77 14.87
CA GLN A 114 -5.93 20.42 16.25
C GLN A 114 -4.82 19.37 16.28
N ALA A 115 -3.74 19.60 15.53
CA ALA A 115 -2.58 18.71 15.58
C ALA A 115 -1.43 19.24 16.41
N ALA A 116 -1.10 20.52 16.28
CA ALA A 116 -0.03 21.10 17.08
C ALA A 116 -0.35 21.06 18.56
N LEU A 117 -1.61 20.88 18.92
CA LEU A 117 -2.03 20.79 20.31
C LEU A 117 -1.60 19.48 20.98
N ILE A 118 -1.16 18.49 20.20
CA ILE A 118 -0.76 17.19 20.72
C ILE A 118 0.69 16.94 20.34
N GLU A 119 1.54 16.74 21.34
CA GLU A 119 2.96 16.40 21.17
C GLU A 119 3.73 17.44 20.36
N GLY A 120 3.18 18.63 20.19
CA GLY A 120 3.84 19.66 19.41
C GLY A 120 4.00 19.35 17.94
N LEU A 121 3.20 18.43 17.41
CA LEU A 121 3.30 18.06 15.99
C LEU A 121 2.40 19.00 15.19
N ASN A 122 3.01 20.00 14.57
CA ASN A 122 2.26 21.02 13.85
C ASN A 122 1.38 20.41 12.76
N SER A 123 0.35 21.16 12.37
CA SER A 123 -0.60 20.71 11.36
C SER A 123 0.07 20.32 10.05
N ASN A 124 1.33 20.73 9.85
CA ASN A 124 2.12 20.34 8.68
C ASN A 124 3.06 19.18 9.00
N PHE A 125 2.59 18.24 9.82
CA PHE A 125 3.43 17.12 10.24
C PHE A 125 3.91 16.33 9.02
N SER A 126 5.20 16.02 9.03
CA SER A 126 5.82 15.31 7.92
C SER A 126 5.51 13.83 7.97
N ILE A 127 5.63 13.16 6.83
CA ILE A 127 5.32 11.75 6.69
C ILE A 127 6.47 11.06 5.97
N TYR A 128 7.04 10.03 6.60
CA TYR A 128 8.09 9.24 5.98
C TYR A 128 7.50 8.27 4.96
N ASP A 129 8.33 7.87 4.00
CA ASP A 129 7.83 7.09 2.87
C ASP A 129 8.68 5.85 2.61
N ALA A 130 8.39 5.15 1.51
CA ALA A 130 8.99 3.84 1.27
C ALA A 130 10.48 3.95 0.95
N ASP A 131 10.85 4.86 0.05
CA ASP A 131 12.27 5.13 -0.18
C ASP A 131 12.89 5.73 1.07
N ASP A 132 12.16 6.63 1.73
CA ASP A 132 12.58 7.09 3.04
C ASP A 132 12.67 5.93 4.02
N SER A 133 11.81 4.92 3.88
CA SER A 133 11.90 3.75 4.75
C SER A 133 13.20 2.99 4.50
N ARG A 134 13.58 2.82 3.22
CA ARG A 134 14.83 2.12 2.91
C ARG A 134 16.03 2.91 3.44
N ARG A 135 16.03 4.23 3.25
CA ARG A 135 17.12 5.02 3.81
C ARG A 135 17.10 5.01 5.33
N LEU A 136 15.91 4.88 5.93
CA LEU A 136 15.80 4.66 7.36
C LEU A 136 16.50 3.37 7.78
N LEU A 137 16.26 2.29 7.04
CA LEU A 137 16.94 1.04 7.33
C LEU A 137 18.45 1.23 7.26
N GLN A 138 18.91 1.90 6.20
CA GLN A 138 20.36 2.10 6.03
C GLN A 138 20.94 2.93 7.17
N MET A 139 20.28 4.02 7.55
CA MET A 139 20.84 4.89 8.57
C MET A 139 20.66 4.33 9.99
N VAL A 140 19.69 3.45 10.21
CA VAL A 140 19.64 2.72 11.47
C VAL A 140 20.77 1.71 11.53
N GLY A 141 21.05 1.03 10.42
CA GLY A 141 22.17 0.11 10.39
C GLY A 141 23.50 0.80 10.56
N ARG A 142 23.63 2.03 10.07
CA ARG A 142 24.89 2.75 10.06
C ARG A 142 24.89 3.99 10.97
N ASP A 143 24.01 4.03 11.96
CA ASP A 143 23.94 5.14 12.89
C ASP A 143 24.33 4.76 14.31
N LEU A 144 23.68 3.75 14.88
CA LEU A 144 24.03 3.27 16.21
C LEU A 144 25.19 2.29 16.12
N GLY A 145 25.48 1.59 17.20
CA GLY A 145 26.49 0.54 17.17
C GLY A 145 25.98 -0.69 16.46
N LEU A 146 25.77 -0.57 15.16
CA LEU A 146 25.16 -1.62 14.36
C LEU A 146 25.81 -1.64 12.99
N ASP A 147 25.51 -2.70 12.23
CA ASP A 147 25.92 -2.82 10.85
C ASP A 147 24.66 -2.82 9.97
N ILE A 148 24.88 -2.83 8.66
CA ILE A 148 23.76 -2.78 7.72
C ILE A 148 22.91 -4.03 7.81
N LYS A 149 23.45 -5.13 8.34
CA LYS A 149 22.73 -6.39 8.34
C LYS A 149 22.83 -7.18 9.65
N ARG A 150 23.49 -6.64 10.68
CA ARG A 150 23.65 -7.40 11.93
C ARG A 150 22.27 -7.67 12.55
N TYR A 151 21.57 -6.62 12.95
CA TYR A 151 20.12 -6.66 13.13
C TYR A 151 19.49 -6.14 11.86
N SER A 152 18.75 -7.00 11.16
CA SER A 152 18.16 -6.64 9.87
C SER A 152 17.27 -5.41 10.04
N PRO A 153 17.69 -4.26 9.51
CA PRO A 153 16.91 -3.03 9.70
C PRO A 153 15.53 -3.11 9.07
N ARG A 154 15.35 -3.99 8.09
CA ARG A 154 14.01 -4.23 7.54
C ARG A 154 13.07 -4.69 8.64
N LEU A 155 13.40 -5.82 9.27
CA LEU A 155 12.60 -6.32 10.39
C LEU A 155 12.67 -5.41 11.60
N LEU A 156 13.77 -4.65 11.75
CA LEU A 156 13.82 -3.66 12.83
C LEU A 156 12.71 -2.63 12.67
N ALA A 157 12.59 -2.05 11.47
CA ALA A 157 11.51 -1.09 11.21
C ALA A 157 10.15 -1.77 11.26
N ASN A 158 10.05 -3.04 10.84
CA ASN A 158 8.79 -3.76 10.93
C ASN A 158 8.34 -3.87 12.38
N ALA A 159 9.26 -4.27 13.27
CA ALA A 159 8.93 -4.35 14.69
C ALA A 159 8.68 -2.97 15.29
N ILE A 160 9.35 -1.94 14.76
CA ILE A 160 9.08 -0.57 15.21
C ILE A 160 7.66 -0.18 14.89
N SER A 161 7.20 -0.51 13.67
CA SER A 161 5.82 -0.25 13.29
C SER A 161 4.85 -1.06 14.16
N ASN A 162 5.21 -2.31 14.46
CA ASN A 162 4.37 -3.12 15.34
C ASN A 162 4.23 -2.48 16.71
N LEU A 163 5.35 -1.97 17.25
CA LEU A 163 5.31 -1.27 18.53
C LEU A 163 4.46 -0.01 18.45
N LYS A 164 4.58 0.73 17.34
CA LYS A 164 3.78 1.93 17.16
C LYS A 164 2.29 1.59 17.14
N ASN A 165 1.93 0.46 16.52
CA ASN A 165 0.55 0.00 16.58
C ASN A 165 0.14 -0.32 18.02
N GLU A 166 1.01 -1.02 18.75
CA GLU A 166 0.72 -1.34 20.14
C GLU A 166 0.82 -0.12 21.05
N LEU A 167 1.43 0.97 20.56
CA LEU A 167 1.51 2.23 21.30
C LEU A 167 2.23 2.05 22.64
N ILE A 168 3.49 1.65 22.55
CA ILE A 168 4.31 1.37 23.73
C ILE A 168 5.63 2.12 23.61
N ASP A 169 6.14 2.60 24.74
CA ASP A 169 7.45 3.23 24.76
C ASP A 169 8.54 2.18 24.60
N PRO A 170 9.71 2.56 24.06
CA PRO A 170 10.82 1.60 23.97
C PRO A 170 11.33 1.15 25.32
N HIS A 171 11.05 1.90 26.39
CA HIS A 171 11.59 1.57 27.70
C HIS A 171 11.21 0.18 28.16
N GLN A 172 9.99 -0.27 27.84
CA GLN A 172 9.53 -1.56 28.34
C GLN A 172 10.37 -2.70 27.76
N ALA A 173 10.53 -2.73 26.44
CA ALA A 173 11.33 -3.79 25.84
C ALA A 173 12.83 -3.57 26.03
N LEU A 174 13.26 -2.33 26.33
CA LEU A 174 14.63 -2.12 26.76
C LEU A 174 14.88 -2.79 28.10
N ALA A 175 13.96 -2.62 29.05
CA ALA A 175 14.03 -3.34 30.31
C ALA A 175 13.72 -4.82 30.13
N GLY A 176 13.23 -5.22 28.96
CA GLY A 176 13.03 -6.63 28.67
C GLY A 176 14.30 -7.45 28.72
N LEU A 177 15.46 -6.80 28.66
CA LEU A 177 16.73 -7.48 28.87
C LEU A 177 16.72 -8.19 30.22
N THR A 178 16.90 -9.51 30.17
CA THR A 178 16.89 -10.39 31.35
C THR A 178 15.50 -10.44 31.97
N GLU A 179 14.55 -9.70 31.40
CA GLU A 179 13.16 -9.74 31.83
C GLU A 179 12.26 -10.36 30.77
N ASP A 180 12.28 -9.83 29.55
CA ASP A 180 11.54 -10.38 28.42
C ASP A 180 12.44 -11.03 27.39
N SER A 181 13.67 -10.56 27.24
CA SER A 181 14.63 -11.13 26.30
C SER A 181 16.03 -10.87 26.84
N ASP A 182 17.03 -11.06 26.00
CA ASP A 182 18.40 -10.71 26.36
C ASP A 182 19.03 -9.76 25.36
N ASP A 183 18.83 -9.97 24.07
CA ASP A 183 19.31 -9.04 23.06
C ASP A 183 18.30 -8.72 21.96
N LEU A 184 17.32 -9.58 21.69
CA LEU A 184 16.42 -9.35 20.57
C LEU A 184 15.44 -8.22 20.86
N ALA A 185 14.61 -8.40 21.89
CA ALA A 185 13.67 -7.34 22.25
C ALA A 185 14.40 -6.10 22.74
N ARG A 186 15.52 -6.27 23.43
CA ARG A 186 16.30 -5.13 23.88
C ARG A 186 16.81 -4.31 22.70
N ALA A 187 17.32 -4.97 21.66
CA ALA A 187 17.80 -4.26 20.48
C ALA A 187 16.68 -3.65 19.66
N VAL A 188 15.54 -4.36 19.57
CA VAL A 188 14.37 -3.78 18.90
C VAL A 188 13.95 -2.50 19.61
N ALA A 189 13.92 -2.53 20.94
CA ALA A 189 13.57 -1.33 21.70
C ALA A 189 14.65 -0.27 21.58
N SER A 190 15.91 -0.66 21.43
CA SER A 190 16.98 0.33 21.27
C SER A 190 16.83 1.08 19.96
N VAL A 191 16.65 0.35 18.85
CA VAL A 191 16.45 1.02 17.57
C VAL A 191 15.13 1.78 17.56
N TYR A 192 14.13 1.29 18.29
CA TYR A 192 12.87 2.00 18.39
C TYR A 192 13.03 3.30 19.15
N ASP A 193 13.83 3.30 20.21
CA ASP A 193 14.12 4.53 20.95
C ASP A 193 14.90 5.51 20.09
N GLU A 194 15.87 5.02 19.32
CA GLU A 194 16.63 5.90 18.44
C GLU A 194 15.71 6.53 17.40
N TYR A 195 14.83 5.72 16.80
CA TYR A 195 13.90 6.25 15.82
C TYR A 195 12.84 7.15 16.46
N GLN A 196 12.50 6.92 17.72
CA GLN A 196 11.54 7.80 18.38
C GLN A 196 12.16 9.16 18.69
N ARG A 197 13.44 9.17 19.08
CA ARG A 197 14.16 10.43 19.20
C ARG A 197 14.24 11.14 17.86
N ARG A 198 14.48 10.39 16.79
CA ARG A 198 14.49 10.98 15.45
C ARG A 198 13.12 11.57 15.09
N LEU A 199 12.04 10.86 15.45
CA LEU A 199 10.69 11.37 15.19
C LEU A 199 10.43 12.65 15.97
N ARG A 200 10.81 12.68 17.25
CA ARG A 200 10.63 13.89 18.04
C ARG A 200 11.43 15.05 17.44
N ALA A 201 12.63 14.77 16.95
CA ALA A 201 13.44 15.81 16.32
C ALA A 201 12.92 16.20 14.94
N ALA A 202 12.11 15.35 14.30
CA ALA A 202 11.68 15.59 12.93
C ALA A 202 10.18 15.68 12.74
N ASN A 203 9.38 15.28 13.74
CA ASN A 203 7.92 15.33 13.65
C ASN A 203 7.40 14.52 12.46
N ALA A 204 8.01 13.37 12.21
CA ALA A 204 7.60 12.49 11.13
C ALA A 204 6.56 11.50 11.62
N LEU A 205 5.60 11.18 10.76
CA LEU A 205 4.48 10.31 11.10
C LEU A 205 4.30 9.27 10.00
N ASP A 206 3.57 8.21 10.33
CA ASP A 206 3.15 7.20 9.37
C ASP A 206 1.74 6.75 9.74
N PHE A 207 1.29 5.65 9.14
CA PHE A 207 -0.07 5.19 9.36
C PHE A 207 -0.29 4.86 10.84
N ASP A 208 0.64 4.10 11.43
CA ASP A 208 0.55 3.81 12.86
C ASP A 208 0.71 5.06 13.69
N ASP A 209 1.63 5.95 13.30
CA ASP A 209 1.77 7.22 14.02
C ASP A 209 0.51 8.07 13.88
N LEU A 210 -0.09 8.09 12.70
CA LEU A 210 -1.33 8.85 12.53
C LEU A 210 -2.46 8.31 13.39
N ILE A 211 -2.60 6.98 13.45
CA ILE A 211 -3.68 6.41 14.26
C ILE A 211 -3.40 6.62 15.75
N GLY A 212 -2.13 6.55 16.15
CA GLY A 212 -1.80 6.83 17.54
C GLY A 212 -2.07 8.27 17.92
N GLU A 213 -1.73 9.21 17.03
CA GLU A 213 -2.05 10.61 17.26
C GLU A 213 -3.55 10.83 17.32
N THR A 214 -4.31 10.14 16.46
CA THR A 214 -5.76 10.25 16.49
C THR A 214 -6.32 9.77 17.82
N VAL A 215 -5.83 8.62 18.31
CA VAL A 215 -6.30 8.11 19.59
C VAL A 215 -5.92 9.06 20.72
N ALA A 216 -4.71 9.62 20.67
CA ALA A 216 -4.27 10.55 21.70
C ALA A 216 -5.13 11.82 21.70
N VAL A 217 -5.48 12.33 20.52
CA VAL A 217 -6.29 13.55 20.46
C VAL A 217 -7.76 13.23 20.70
N LEU A 218 -8.13 11.95 20.69
CA LEU A 218 -9.44 11.57 21.25
C LEU A 218 -9.41 11.63 22.76
N GLN A 219 -8.49 10.90 23.39
CA GLN A 219 -8.47 10.82 24.84
C GLN A 219 -8.22 12.19 25.47
N ALA A 220 -7.17 12.88 25.04
CA ALA A 220 -6.82 14.15 25.67
C ALA A 220 -7.75 15.27 25.23
N PHE A 221 -7.98 15.40 23.92
CA PHE A 221 -8.71 16.55 23.39
C PHE A 221 -10.19 16.24 23.31
N PRO A 222 -11.06 17.05 23.93
CA PRO A 222 -12.48 16.69 24.03
C PRO A 222 -13.25 16.70 22.70
N GLN A 223 -13.21 17.80 21.95
CA GLN A 223 -14.14 17.92 20.83
C GLN A 223 -13.77 16.99 19.68
N ILE A 224 -12.48 16.72 19.46
CA ILE A 224 -12.13 15.68 18.50
C ILE A 224 -12.61 14.32 18.97
N ALA A 225 -12.65 14.09 20.28
CA ALA A 225 -13.25 12.87 20.79
C ALA A 225 -14.73 12.81 20.43
N GLN A 226 -15.49 13.87 20.77
CA GLN A 226 -16.90 13.85 20.43
C GLN A 226 -17.14 13.77 18.93
N TYR A 227 -16.17 14.16 18.11
CA TYR A 227 -16.32 14.03 16.66
C TYR A 227 -16.05 12.59 16.22
N TYR A 228 -14.82 12.11 16.40
CA TYR A 228 -14.45 10.79 15.91
C TYR A 228 -15.23 9.69 16.64
N ARG A 229 -15.16 9.68 17.97
CA ARG A 229 -15.73 8.58 18.74
C ARG A 229 -17.24 8.49 18.59
N ARG A 230 -17.92 9.63 18.54
CA ARG A 230 -19.38 9.65 18.60
C ARG A 230 -20.05 9.90 17.27
N ARG A 231 -19.51 10.80 16.44
CA ARG A 231 -20.09 11.03 15.12
C ARG A 231 -19.99 9.78 14.25
N PHE A 232 -18.85 9.09 14.31
CA PHE A 232 -18.64 7.94 13.42
C PHE A 232 -19.34 6.70 13.96
N ARG A 233 -20.61 6.82 14.34
CA ARG A 233 -21.35 5.65 14.83
C ARG A 233 -21.63 4.67 13.70
N HIS A 234 -21.53 5.12 12.46
CA HIS A 234 -21.64 4.27 11.29
C HIS A 234 -20.29 4.25 10.58
N VAL A 235 -19.74 3.05 10.38
CA VAL A 235 -18.42 2.90 9.78
C VAL A 235 -18.46 1.72 8.81
N LEU A 236 -17.89 1.90 7.63
CA LEU A 236 -17.71 0.78 6.71
C LEU A 236 -16.44 0.03 7.09
N VAL A 237 -16.55 -1.30 7.24
CA VAL A 237 -15.41 -2.15 7.49
C VAL A 237 -15.45 -3.29 6.49
N ASP A 238 -14.38 -3.44 5.70
CA ASP A 238 -14.27 -4.50 4.72
C ASP A 238 -12.99 -5.27 4.97
N GLU A 239 -13.07 -6.59 4.90
CA GLU A 239 -11.94 -7.48 5.17
C GLU A 239 -11.32 -7.14 6.53
N TYR A 240 -12.12 -7.29 7.57
CA TYR A 240 -11.75 -6.97 8.95
C TYR A 240 -10.66 -7.89 9.49
N GLN A 241 -10.24 -8.89 8.73
CA GLN A 241 -9.22 -9.83 9.22
C GLN A 241 -7.90 -9.12 9.51
N ASP A 242 -7.51 -8.18 8.65
CA ASP A 242 -6.22 -7.52 8.77
C ASP A 242 -6.24 -6.36 9.74
N THR A 243 -7.39 -6.07 10.36
CA THR A 243 -7.50 -4.95 11.29
C THR A 243 -6.56 -5.13 12.48
N ASN A 244 -5.61 -4.22 12.63
CA ASN A 244 -4.66 -4.29 13.73
C ASN A 244 -5.33 -3.90 15.04
N HIS A 245 -4.65 -4.20 16.14
CA HIS A 245 -5.18 -3.87 17.46
C HIS A 245 -5.36 -2.37 17.63
N ALA A 246 -4.41 -1.56 17.14
CA ALA A 246 -4.62 -0.12 17.14
C ALA A 246 -5.80 0.26 16.26
N GLN A 247 -5.91 -0.37 15.09
CA GLN A 247 -7.02 -0.10 14.20
C GLN A 247 -8.35 -0.50 14.83
N TYR A 248 -8.38 -1.66 15.49
CA TYR A 248 -9.60 -2.07 16.15
C TYR A 248 -9.94 -1.15 17.33
N VAL A 249 -8.92 -0.69 18.06
CA VAL A 249 -9.18 0.25 19.15
C VAL A 249 -9.76 1.54 18.61
N LEU A 250 -9.20 2.06 17.51
CA LEU A 250 -9.73 3.27 16.91
C LEU A 250 -11.17 3.07 16.46
N VAL A 251 -11.44 1.96 15.75
CA VAL A 251 -12.78 1.76 15.23
C VAL A 251 -13.79 1.56 16.37
N ARG A 252 -13.36 0.92 17.46
CA ARG A 252 -14.23 0.79 18.62
C ARG A 252 -14.49 2.15 19.26
N GLU A 253 -13.47 3.01 19.26
CA GLU A 253 -13.71 4.39 19.69
C GLU A 253 -14.79 5.05 18.83
N LEU A 254 -14.63 4.94 17.50
CA LEU A 254 -15.56 5.61 16.59
C LEU A 254 -16.98 5.06 16.71
N VAL A 255 -17.13 3.78 17.05
CA VAL A 255 -18.42 3.11 17.05
C VAL A 255 -18.88 2.77 18.46
N GLY A 256 -18.01 2.14 19.25
CA GLY A 256 -18.39 1.78 20.61
C GLY A 256 -18.61 2.99 21.50
N ARG A 257 -17.74 4.00 21.38
CA ARG A 257 -17.84 5.19 22.21
C ARG A 257 -18.84 6.17 21.60
N ASP A 258 -20.09 5.76 21.58
CA ASP A 258 -21.15 6.55 21.00
C ASP A 258 -21.39 7.83 21.81
N SER A 259 -22.33 8.64 21.34
CA SER A 259 -22.69 9.87 22.04
C SER A 259 -23.21 9.57 23.43
N ASN A 260 -24.04 8.54 23.57
CA ASN A 260 -24.54 8.08 24.86
C ASN A 260 -23.86 6.77 25.21
N ASP A 261 -22.89 6.83 26.10
CA ASP A 261 -22.18 5.63 26.51
C ASP A 261 -23.08 4.72 27.34
N GLY A 262 -22.67 3.45 27.45
CA GLY A 262 -23.47 2.44 28.09
C GLY A 262 -24.36 1.65 27.15
N ILE A 263 -24.63 2.19 25.97
CA ILE A 263 -25.35 1.48 24.92
C ILE A 263 -24.32 0.72 24.09
N PRO A 264 -24.71 -0.30 23.33
CA PRO A 264 -23.74 -1.01 22.49
C PRO A 264 -23.20 -0.10 21.40
N PRO A 265 -22.11 -0.50 20.73
CA PRO A 265 -21.56 0.32 19.65
C PRO A 265 -22.62 0.67 18.61
N GLY A 266 -22.38 1.77 17.89
CA GLY A 266 -23.29 2.25 16.89
C GLY A 266 -23.58 1.27 15.78
N GLU A 267 -24.39 1.69 14.81
CA GLU A 267 -24.83 0.81 13.75
C GLU A 267 -23.63 0.23 13.01
N LEU A 268 -23.67 -1.09 12.79
CA LEU A 268 -22.49 -1.88 12.49
C LEU A 268 -22.43 -2.23 11.01
N CYS A 269 -21.26 -2.10 10.41
CA CYS A 269 -21.00 -2.53 9.04
C CYS A 269 -19.57 -3.09 8.99
N VAL A 270 -19.44 -4.39 9.26
CA VAL A 270 -18.14 -5.07 9.21
C VAL A 270 -18.29 -6.34 8.39
N VAL A 271 -17.36 -6.55 7.44
CA VAL A 271 -17.36 -7.73 6.59
C VAL A 271 -15.93 -8.21 6.41
N GLY A 272 -15.80 -9.43 5.92
CA GLY A 272 -14.51 -10.01 5.63
C GLY A 272 -14.47 -11.47 6.03
N ASP A 273 -13.25 -11.99 6.13
CA ASP A 273 -13.03 -13.39 6.50
C ASP A 273 -11.78 -13.45 7.36
N ALA A 274 -11.96 -13.80 8.64
CA ALA A 274 -10.89 -13.67 9.61
C ALA A 274 -9.71 -14.58 9.29
N ASP A 275 -9.98 -15.82 8.91
CA ASP A 275 -8.91 -16.77 8.62
C ASP A 275 -8.36 -16.59 7.21
N GLN A 276 -8.55 -15.41 6.64
CA GLN A 276 -7.82 -14.96 5.46
C GLN A 276 -6.59 -14.16 5.83
N SER A 277 -5.98 -14.46 6.97
CA SER A 277 -4.77 -13.78 7.42
C SER A 277 -3.61 -14.17 6.51
N ILE A 278 -3.21 -13.26 5.64
CA ILE A 278 -2.15 -13.54 4.67
C ILE A 278 -1.02 -12.54 4.84
N TYR A 279 -1.31 -11.41 5.47
CA TYR A 279 -0.35 -10.31 5.60
C TYR A 279 0.08 -10.09 7.04
N ALA A 280 0.23 -11.18 7.80
CA ALA A 280 0.82 -11.04 9.13
C ALA A 280 2.26 -10.57 9.03
N PHE A 281 3.00 -11.10 8.05
CA PHE A 281 4.34 -10.57 7.79
C PHE A 281 4.28 -9.16 7.20
N ARG A 282 3.11 -8.69 6.78
CA ARG A 282 2.91 -7.28 6.52
C ARG A 282 2.30 -6.56 7.72
N GLY A 283 1.68 -7.29 8.65
CA GLY A 283 1.18 -6.68 9.87
C GLY A 283 -0.26 -6.98 10.18
N ALA A 284 -0.87 -7.89 9.41
CA ALA A 284 -2.28 -8.22 9.61
C ALA A 284 -2.46 -9.07 10.87
N THR A 285 -3.52 -8.79 11.61
CA THR A 285 -3.88 -9.59 12.77
C THR A 285 -4.59 -10.86 12.31
N ILE A 286 -4.63 -11.87 13.18
CA ILE A 286 -5.05 -13.20 12.74
C ILE A 286 -6.56 -13.42 12.84
N ARG A 287 -7.14 -13.38 14.04
CA ARG A 287 -8.54 -13.77 14.17
C ARG A 287 -9.49 -12.57 14.21
N ASN A 288 -9.37 -11.74 15.23
CA ASN A 288 -10.15 -10.51 15.38
C ASN A 288 -11.65 -10.72 15.57
N ILE A 289 -12.16 -11.95 15.46
CA ILE A 289 -13.60 -12.16 15.60
C ILE A 289 -14.03 -11.97 17.05
N GLU A 290 -13.55 -12.85 17.93
CA GLU A 290 -13.90 -12.73 19.35
C GLU A 290 -13.32 -11.46 19.94
N ASP A 291 -12.22 -10.96 19.36
CA ASP A 291 -11.73 -9.63 19.72
C ASP A 291 -12.74 -8.57 19.35
N PHE A 292 -13.42 -8.74 18.22
CA PHE A 292 -14.47 -7.80 17.83
C PHE A 292 -15.66 -7.89 18.78
N GLU A 293 -16.03 -9.11 19.17
CA GLU A 293 -17.33 -9.33 19.78
C GLU A 293 -17.44 -8.69 21.16
N ARG A 294 -16.38 -8.72 21.97
CA ARG A 294 -16.53 -8.24 23.34
C ARG A 294 -16.56 -6.71 23.43
N ASP A 295 -15.80 -6.01 22.58
CA ASP A 295 -15.95 -4.56 22.50
C ASP A 295 -17.02 -4.13 21.50
N TYR A 296 -17.63 -5.08 20.80
CA TYR A 296 -18.80 -4.81 19.95
C TYR A 296 -19.88 -5.82 20.31
N PRO A 297 -20.60 -5.59 21.42
CA PRO A 297 -21.74 -6.48 21.73
C PRO A 297 -22.82 -6.47 20.66
N ASP A 298 -22.84 -5.46 19.79
CA ASP A 298 -23.76 -5.41 18.65
C ASP A 298 -23.35 -6.37 17.54
N THR A 299 -22.37 -7.24 17.79
CA THR A 299 -21.91 -8.19 16.79
C THR A 299 -23.04 -9.10 16.35
N ARG A 300 -23.42 -8.99 15.08
CA ARG A 300 -24.46 -9.84 14.48
C ARG A 300 -23.79 -10.68 13.40
N THR A 301 -23.30 -11.85 13.79
CA THR A 301 -22.67 -12.75 12.85
C THR A 301 -23.68 -13.26 11.84
N ILE A 302 -23.33 -13.19 10.56
CA ILE A 302 -24.21 -13.62 9.48
C ILE A 302 -23.51 -14.77 8.77
N LEU A 303 -23.89 -16.00 9.13
CA LEU A 303 -23.34 -17.19 8.48
C LEU A 303 -24.06 -17.39 7.15
N LEU A 304 -23.48 -16.79 6.11
CA LEU A 304 -24.03 -16.82 4.77
C LEU A 304 -23.24 -17.75 3.87
N GLU A 305 -23.96 -18.55 3.06
CA GLU A 305 -23.33 -19.59 2.26
C GLU A 305 -23.94 -19.72 0.87
N GLN A 306 -24.69 -18.75 0.39
CA GLN A 306 -25.33 -18.89 -0.91
C GLN A 306 -24.39 -18.37 -2.00
N ASN A 307 -24.83 -18.48 -3.26
CA ASN A 307 -24.02 -18.07 -4.39
C ASN A 307 -24.88 -18.06 -5.65
N TYR A 308 -24.76 -17.01 -6.47
CA TYR A 308 -25.64 -16.89 -7.62
C TYR A 308 -24.98 -16.48 -8.94
N ARG A 309 -23.70 -16.13 -8.97
CA ARG A 309 -23.01 -15.94 -10.24
C ARG A 309 -21.73 -16.75 -10.37
N SER A 310 -21.04 -17.02 -9.27
CA SER A 310 -19.87 -17.89 -9.32
C SER A 310 -20.31 -19.33 -9.60
N THR A 311 -19.36 -20.15 -10.04
CA THR A 311 -19.66 -21.48 -10.54
C THR A 311 -19.62 -22.53 -9.42
N GLN A 312 -20.15 -23.71 -9.75
CA GLN A 312 -20.13 -24.82 -8.81
C GLN A 312 -18.73 -25.41 -8.66
N ASN A 313 -17.89 -25.29 -9.69
CA ASN A 313 -16.51 -25.74 -9.56
C ASN A 313 -15.75 -24.89 -8.54
N ILE A 314 -15.91 -23.57 -8.62
CA ILE A 314 -15.35 -22.69 -7.60
C ILE A 314 -15.93 -23.05 -6.24
N LEU A 315 -17.23 -23.42 -6.21
CA LEU A 315 -17.84 -23.86 -4.97
C LEU A 315 -17.13 -25.09 -4.40
N SER A 316 -16.87 -26.08 -5.25
CA SER A 316 -16.24 -27.31 -4.77
C SER A 316 -14.83 -27.04 -4.27
N ALA A 317 -14.08 -26.19 -4.99
CA ALA A 317 -12.75 -25.83 -4.52
C ALA A 317 -12.81 -25.09 -3.18
N ALA A 318 -13.76 -24.16 -3.05
CA ALA A 318 -13.90 -23.39 -1.82
C ALA A 318 -14.28 -24.28 -0.65
N ASN A 319 -15.21 -25.22 -0.85
CA ASN A 319 -15.62 -26.12 0.21
C ASN A 319 -14.58 -27.17 0.53
N SER A 320 -13.71 -27.51 -0.44
CA SER A 320 -12.57 -28.37 -0.12
C SER A 320 -11.55 -27.64 0.73
N VAL A 321 -11.24 -26.39 0.36
CA VAL A 321 -10.21 -25.65 1.08
C VAL A 321 -10.72 -25.05 2.39
N ILE A 322 -12.03 -24.95 2.57
CA ILE A 322 -12.58 -24.37 3.79
C ILE A 322 -12.32 -25.29 4.99
N ALA A 323 -12.25 -26.60 4.76
CA ALA A 323 -11.89 -27.55 5.80
C ALA A 323 -10.50 -28.14 5.62
N ARG A 324 -9.96 -28.11 4.39
CA ARG A 324 -8.60 -28.57 4.18
C ARG A 324 -7.60 -27.73 4.94
N ASN A 325 -7.79 -26.41 4.95
CA ASN A 325 -6.94 -25.54 5.73
C ASN A 325 -7.28 -25.67 7.21
N ALA A 326 -6.32 -26.12 8.01
CA ALA A 326 -6.56 -26.28 9.44
C ALA A 326 -6.84 -24.94 10.11
N GLY A 327 -6.05 -23.92 9.77
CA GLY A 327 -6.27 -22.60 10.32
C GLY A 327 -7.32 -21.83 9.55
N ARG A 328 -8.48 -22.44 9.34
CA ARG A 328 -9.56 -21.83 8.58
C ARG A 328 -10.88 -22.08 9.30
N ARG A 329 -11.55 -21.01 9.71
CA ARG A 329 -12.88 -21.12 10.28
C ARG A 329 -13.81 -21.64 9.19
N GLU A 330 -14.24 -22.90 9.31
CA GLU A 330 -14.88 -23.59 8.19
C GLU A 330 -16.27 -22.99 7.99
N LYS A 331 -16.32 -21.98 7.12
CA LYS A 331 -17.58 -21.39 6.69
C LYS A 331 -17.97 -22.05 5.37
N ARG A 332 -18.89 -23.00 5.46
CA ARG A 332 -19.34 -23.73 4.28
C ARG A 332 -20.03 -22.78 3.31
N LEU A 333 -20.04 -23.17 2.03
CA LEU A 333 -20.61 -22.37 0.97
C LEU A 333 -21.39 -23.28 0.02
N TRP A 334 -22.43 -22.75 -0.59
CA TRP A 334 -23.16 -23.45 -1.64
C TRP A 334 -23.42 -22.51 -2.80
N THR A 335 -23.42 -23.08 -4.02
CA THR A 335 -23.49 -22.33 -5.26
C THR A 335 -24.61 -22.87 -6.14
N ASP A 336 -25.38 -21.96 -6.75
CA ASP A 336 -26.45 -22.38 -7.64
C ASP A 336 -25.95 -22.68 -9.05
N ALA A 337 -25.01 -21.87 -9.54
CA ALA A 337 -24.57 -22.00 -10.93
C ALA A 337 -23.81 -23.30 -11.12
N GLY A 338 -23.82 -23.79 -12.36
CA GLY A 338 -23.25 -25.09 -12.67
C GLY A 338 -21.75 -25.13 -12.52
N ALA A 339 -21.23 -26.35 -12.54
CA ALA A 339 -19.80 -26.59 -12.37
C ALA A 339 -19.03 -26.26 -13.65
N GLY A 340 -18.72 -24.98 -13.83
CA GLY A 340 -17.93 -24.56 -14.97
C GLY A 340 -16.57 -24.07 -14.51
N GLU A 341 -15.64 -24.01 -15.47
CA GLU A 341 -14.29 -23.50 -15.24
C GLU A 341 -13.59 -24.25 -14.12
N LEU A 342 -13.36 -25.55 -14.35
CA LEU A 342 -12.39 -26.28 -13.56
C LEU A 342 -11.04 -25.57 -13.67
N ILE A 343 -10.34 -25.48 -12.55
CA ILE A 343 -9.13 -24.67 -12.49
C ILE A 343 -8.05 -25.35 -13.31
N VAL A 344 -7.87 -24.90 -14.55
CA VAL A 344 -6.99 -25.57 -15.50
C VAL A 344 -5.55 -25.12 -15.27
N GLY A 345 -4.67 -26.07 -14.98
CA GLY A 345 -3.26 -25.80 -14.85
C GLY A 345 -2.49 -26.17 -16.10
N TYR A 346 -1.16 -26.20 -15.95
CA TYR A 346 -0.28 -26.66 -17.03
C TYR A 346 1.06 -27.00 -16.41
N VAL A 347 1.42 -28.28 -16.40
CA VAL A 347 2.72 -28.71 -15.90
C VAL A 347 3.77 -28.46 -16.97
N ALA A 348 4.84 -27.76 -16.61
CA ALA A 348 5.92 -27.47 -17.53
C ALA A 348 7.25 -27.80 -16.88
N ASP A 349 8.22 -28.18 -17.71
CA ASP A 349 9.56 -28.49 -17.25
C ASP A 349 10.48 -27.29 -17.27
N ASN A 350 9.97 -26.11 -17.63
CA ASN A 350 10.75 -24.87 -17.61
C ASN A 350 9.79 -23.70 -17.43
N GLU A 351 10.21 -22.73 -16.62
CA GLU A 351 9.38 -21.54 -16.44
C GLU A 351 9.26 -20.74 -17.73
N HIS A 352 10.36 -20.62 -18.48
CA HIS A 352 10.30 -19.90 -19.75
C HIS A 352 9.40 -20.62 -20.75
N ASP A 353 9.51 -21.96 -20.82
CA ASP A 353 8.61 -22.72 -21.67
C ASP A 353 7.17 -22.63 -21.16
N GLU A 354 6.99 -22.59 -19.84
CA GLU A 354 5.65 -22.43 -19.28
C GLU A 354 5.03 -21.12 -19.72
N ALA A 355 5.78 -20.02 -19.61
CA ALA A 355 5.28 -18.73 -20.06
C ALA A 355 5.02 -18.72 -21.55
N ARG A 356 5.88 -19.39 -22.32
CA ARG A 356 5.66 -19.50 -23.75
C ARG A 356 4.31 -20.16 -24.05
N PHE A 357 4.06 -21.31 -23.41
CA PHE A 357 2.81 -22.02 -23.66
C PHE A 357 1.61 -21.20 -23.20
N VAL A 358 1.72 -20.57 -22.03
CA VAL A 358 0.60 -19.80 -21.50
C VAL A 358 0.28 -18.60 -22.39
N ALA A 359 1.31 -17.86 -22.81
CA ALA A 359 1.09 -16.72 -23.68
C ALA A 359 0.57 -17.15 -25.05
N GLU A 360 1.05 -18.29 -25.57
CA GLU A 360 0.54 -18.78 -26.83
C GLU A 360 -0.94 -19.15 -26.73
N GLU A 361 -1.34 -19.80 -25.62
CA GLU A 361 -2.74 -20.13 -25.43
C GLU A 361 -3.58 -18.86 -25.27
N ILE A 362 -3.07 -17.86 -24.55
CA ILE A 362 -3.77 -16.59 -24.42
C ILE A 362 -3.96 -15.95 -25.78
N ASP A 363 -2.92 -15.95 -26.61
CA ASP A 363 -3.02 -15.37 -27.95
C ASP A 363 -4.03 -16.13 -28.80
N ALA A 364 -4.07 -17.47 -28.67
CA ALA A 364 -5.01 -18.26 -29.44
C ALA A 364 -6.45 -18.04 -28.99
N LEU A 365 -6.66 -17.73 -27.70
CA LEU A 365 -8.02 -17.66 -27.18
C LEU A 365 -8.61 -16.25 -27.17
N ALA A 366 -7.82 -15.22 -26.90
CA ALA A 366 -8.35 -13.91 -26.53
C ALA A 366 -8.14 -12.83 -27.58
N GLU A 367 -6.90 -12.58 -27.99
CA GLU A 367 -6.56 -11.35 -28.71
C GLU A 367 -7.27 -11.17 -30.04
N GLY A 368 -8.17 -12.08 -30.39
CA GLY A 368 -9.02 -11.88 -31.55
C GLY A 368 -9.84 -10.60 -31.45
N SER A 369 -10.75 -10.54 -30.46
CA SER A 369 -11.59 -9.37 -30.28
C SER A 369 -11.81 -8.96 -28.83
N GLU A 370 -11.23 -9.67 -27.86
CA GLU A 370 -11.60 -9.49 -26.46
C GLU A 370 -10.43 -9.88 -25.57
N ILE A 371 -10.26 -9.15 -24.47
CA ILE A 371 -9.15 -9.35 -23.53
C ILE A 371 -7.84 -9.02 -24.24
N THR A 372 -7.38 -7.77 -24.12
CA THR A 372 -6.27 -7.25 -24.93
C THR A 372 -5.05 -6.83 -24.11
N TYR A 373 -5.20 -5.99 -23.08
CA TYR A 373 -4.00 -5.34 -22.55
C TYR A 373 -3.82 -5.24 -21.03
N ASN A 374 -4.82 -5.44 -20.16
CA ASN A 374 -4.52 -5.07 -18.77
C ASN A 374 -4.57 -6.16 -17.69
N ASP A 375 -5.69 -6.87 -17.53
CA ASP A 375 -5.97 -7.48 -16.24
C ASP A 375 -5.35 -8.87 -16.06
N VAL A 376 -5.41 -9.75 -17.06
CA VAL A 376 -4.87 -11.09 -16.89
C VAL A 376 -3.40 -10.98 -16.50
N ALA A 377 -3.08 -11.42 -15.28
CA ALA A 377 -1.78 -11.17 -14.69
C ALA A 377 -1.28 -12.42 -13.98
N VAL A 378 0.03 -12.46 -13.75
CA VAL A 378 0.67 -13.55 -13.03
C VAL A 378 1.41 -12.95 -11.85
N PHE A 379 1.01 -13.34 -10.64
CA PHE A 379 1.70 -12.94 -9.43
C PHE A 379 2.74 -14.00 -9.08
N TYR A 380 4.00 -13.57 -8.95
CA TYR A 380 5.08 -14.52 -8.75
C TYR A 380 6.07 -13.93 -7.77
N ARG A 381 6.80 -14.83 -7.11
CA ARG A 381 7.88 -14.43 -6.21
C ARG A 381 9.24 -15.02 -6.59
N THR A 382 9.28 -16.03 -7.45
CA THR A 382 10.52 -16.41 -8.13
C THR A 382 10.54 -15.68 -9.47
N ASN A 383 11.57 -14.87 -9.69
CA ASN A 383 11.59 -13.96 -10.82
C ASN A 383 11.95 -14.64 -12.13
N ASN A 384 11.90 -15.97 -12.19
CA ASN A 384 12.00 -16.65 -13.47
C ASN A 384 10.80 -16.31 -14.35
N SER A 385 9.62 -16.19 -13.76
CA SER A 385 8.44 -15.77 -14.50
C SER A 385 8.61 -14.35 -15.03
N SER A 386 9.47 -13.55 -14.41
CA SER A 386 9.67 -12.18 -14.86
C SER A 386 10.21 -12.13 -16.28
N ARG A 387 11.41 -12.67 -16.50
CA ARG A 387 11.97 -12.72 -17.84
C ARG A 387 11.09 -13.53 -18.77
N SER A 388 10.56 -14.65 -18.28
CA SER A 388 9.81 -15.58 -19.13
C SER A 388 8.59 -14.91 -19.73
N LEU A 389 7.75 -14.30 -18.88
CA LEU A 389 6.48 -13.76 -19.36
C LEU A 389 6.69 -12.57 -20.29
N GLU A 390 7.56 -11.62 -19.91
CA GLU A 390 7.81 -10.48 -20.77
C GLU A 390 8.42 -10.91 -22.10
N GLU A 391 9.36 -11.86 -22.05
CA GLU A 391 10.00 -12.33 -23.27
C GLU A 391 9.03 -13.02 -24.19
N VAL A 392 8.10 -13.82 -23.65
CA VAL A 392 7.17 -14.50 -24.51
C VAL A 392 6.07 -13.56 -24.99
N LEU A 393 5.79 -12.49 -24.23
CA LEU A 393 4.86 -11.49 -24.73
C LEU A 393 5.46 -10.69 -25.89
N ILE A 394 6.72 -10.27 -25.76
CA ILE A 394 7.37 -9.56 -26.87
C ILE A 394 7.54 -10.49 -28.06
N ARG A 395 7.86 -11.77 -27.81
CA ARG A 395 7.91 -12.74 -28.90
C ARG A 395 6.56 -12.86 -29.59
N ALA A 396 5.47 -12.79 -28.81
CA ALA A 396 4.13 -12.78 -29.37
C ALA A 396 3.79 -11.46 -30.05
N GLY A 397 4.60 -10.42 -29.86
CA GLY A 397 4.36 -9.12 -30.44
C GLY A 397 3.47 -8.20 -29.63
N ILE A 398 2.65 -8.75 -28.73
CA ILE A 398 1.78 -7.96 -27.87
C ILE A 398 2.66 -7.26 -26.83
N PRO A 399 2.31 -6.06 -26.39
CA PRO A 399 3.06 -5.42 -25.29
C PRO A 399 3.05 -6.27 -24.04
N TYR A 400 3.87 -5.86 -23.07
CA TYR A 400 3.91 -6.50 -21.77
C TYR A 400 3.81 -5.42 -20.70
N LYS A 401 3.17 -5.76 -19.59
CA LYS A 401 3.01 -4.84 -18.47
C LYS A 401 3.67 -5.42 -17.23
N VAL A 402 4.45 -4.59 -16.53
CA VAL A 402 5.18 -5.00 -15.34
C VAL A 402 4.92 -3.97 -14.25
N VAL A 403 4.37 -4.42 -13.13
CA VAL A 403 4.15 -3.57 -11.96
C VAL A 403 4.79 -4.28 -10.78
N GLY A 404 6.06 -3.99 -10.51
CA GLY A 404 6.76 -4.64 -9.42
C GLY A 404 7.36 -5.97 -9.83
N GLY A 405 8.09 -5.99 -10.95
CA GLY A 405 8.71 -7.20 -11.43
C GLY A 405 10.20 -7.25 -11.13
N VAL A 406 11.02 -6.93 -12.13
CA VAL A 406 12.47 -6.92 -11.98
C VAL A 406 13.02 -5.59 -12.51
N ARG A 407 14.29 -5.33 -12.16
CA ARG A 407 15.04 -4.19 -12.68
C ARG A 407 14.42 -2.86 -12.23
N PHE A 408 14.00 -2.79 -10.97
CA PHE A 408 13.41 -1.56 -10.47
C PHE A 408 13.87 -1.24 -9.05
N TYR A 409 14.90 -1.93 -8.55
CA TYR A 409 15.45 -1.68 -7.23
C TYR A 409 16.86 -1.11 -7.25
N GLU A 410 17.78 -1.75 -7.96
CA GLU A 410 19.14 -1.26 -8.09
C GLU A 410 19.28 -0.17 -9.15
N ARG A 411 18.16 0.36 -9.64
CA ARG A 411 18.15 1.45 -10.59
C ARG A 411 17.74 2.74 -9.87
N LYS A 412 18.57 3.76 -10.01
CA LYS A 412 18.38 5.02 -9.30
C LYS A 412 17.55 5.99 -10.16
N GLU A 413 17.60 7.26 -9.78
CA GLU A 413 17.02 8.47 -10.37
C GLU A 413 15.52 8.57 -10.12
N ILE A 414 14.89 7.48 -9.69
CA ILE A 414 13.52 7.59 -9.20
C ILE A 414 13.50 8.06 -7.75
N ARG A 415 14.36 7.47 -6.93
CA ARG A 415 14.66 8.03 -5.62
C ARG A 415 15.09 9.49 -5.75
N ASP A 416 15.84 9.82 -6.80
CA ASP A 416 16.32 11.20 -6.97
C ASP A 416 15.18 12.15 -7.33
N ILE A 417 14.32 11.76 -8.28
CA ILE A 417 13.23 12.65 -8.65
C ILE A 417 12.29 12.86 -7.48
N VAL A 418 11.95 11.79 -6.75
CA VAL A 418 11.10 11.97 -5.58
C VAL A 418 11.85 12.75 -4.51
N ALA A 419 13.19 12.67 -4.49
CA ALA A 419 13.96 13.47 -3.53
C ALA A 419 13.84 14.95 -3.83
N TYR A 420 13.91 15.34 -5.11
CA TYR A 420 13.74 16.75 -5.45
C TYR A 420 12.31 17.20 -5.18
N LEU A 421 11.34 16.32 -5.42
CA LEU A 421 9.95 16.66 -5.07
C LEU A 421 9.81 16.90 -3.56
N ARG A 422 10.42 16.04 -2.75
CA ARG A 422 10.36 16.23 -1.31
C ARG A 422 11.11 17.48 -0.88
N VAL A 423 12.25 17.77 -1.51
CA VAL A 423 13.01 18.98 -1.21
C VAL A 423 12.15 20.21 -1.50
N LEU A 424 11.40 20.18 -2.61
CA LEU A 424 10.41 21.22 -2.86
C LEU A 424 9.39 21.28 -1.72
N ASP A 425 8.93 20.12 -1.26
CA ASP A 425 8.03 20.09 -0.11
C ASP A 425 8.77 20.40 1.19
N ASN A 426 9.93 19.78 1.41
CA ASN A 426 10.70 19.93 2.65
C ASN A 426 12.19 19.72 2.37
N PRO A 427 13.03 20.72 2.62
CA PRO A 427 14.45 20.61 2.24
C PRO A 427 15.27 19.74 3.19
N GLY A 428 14.61 18.97 4.03
CA GLY A 428 15.29 18.16 5.02
C GLY A 428 15.94 16.90 4.46
N ASP A 429 16.40 16.95 3.21
CA ASP A 429 17.05 15.82 2.56
C ASP A 429 18.56 16.06 2.57
N ALA A 430 19.31 15.09 3.08
CA ALA A 430 20.76 15.15 3.12
C ALA A 430 21.45 13.96 2.48
N VAL A 431 20.73 12.86 2.24
CA VAL A 431 21.34 11.71 1.59
C VAL A 431 21.63 12.01 0.13
N SER A 432 20.81 12.84 -0.51
CA SER A 432 21.11 13.27 -1.87
C SER A 432 22.41 14.05 -1.93
N LEU A 433 22.72 14.81 -0.89
CA LEU A 433 24.02 15.47 -0.79
C LEU A 433 25.13 14.48 -0.44
N ARG A 434 24.82 13.48 0.38
CA ARG A 434 25.77 12.43 0.73
C ARG A 434 26.17 11.58 -0.47
N ARG A 435 25.30 11.50 -1.49
CA ARG A 435 25.60 10.73 -2.68
C ARG A 435 26.92 11.15 -3.31
N ILE A 436 27.17 12.45 -3.36
CA ILE A 436 28.38 12.99 -3.96
C ILE A 436 29.26 13.58 -2.86
N LEU A 437 30.57 13.42 -3.00
CA LEU A 437 31.52 13.73 -1.94
C LEU A 437 32.58 14.72 -2.44
N ASN A 438 32.75 15.81 -1.67
CA ASN A 438 33.44 16.99 -2.17
C ASN A 438 34.93 16.93 -1.88
N THR A 439 35.36 16.96 -0.62
CA THR A 439 36.79 17.18 -0.39
C THR A 439 37.37 16.04 0.41
N PRO A 440 38.52 15.47 -0.02
CA PRO A 440 39.05 14.27 0.66
C PRO A 440 39.23 14.41 2.15
N ARG A 441 38.46 13.61 2.90
CA ARG A 441 38.54 13.51 4.36
C ARG A 441 38.16 14.80 5.05
N ARG A 442 37.72 15.79 4.30
CA ARG A 442 37.22 17.04 4.86
C ARG A 442 35.76 17.29 4.48
N GLY A 443 35.44 17.23 3.19
CA GLY A 443 34.06 17.35 2.76
C GLY A 443 33.59 16.10 2.04
N ILE A 444 33.96 14.94 2.56
CA ILE A 444 33.62 13.67 1.96
C ILE A 444 33.17 12.71 3.04
N GLY A 445 31.89 12.33 2.99
CA GLY A 445 31.34 11.36 3.92
C GLY A 445 31.28 11.86 5.35
N ASP A 446 31.55 13.14 5.57
CA ASP A 446 31.54 13.69 6.93
C ASP A 446 30.67 14.95 7.01
N ARG A 447 30.65 15.74 5.94
CA ARG A 447 29.97 17.02 5.96
C ARG A 447 28.45 16.87 5.92
N ALA A 448 27.95 15.72 5.48
CA ALA A 448 26.52 15.44 5.60
C ALA A 448 26.24 14.39 6.67
N GLU A 449 27.20 14.10 7.55
CA GLU A 449 26.94 13.14 8.62
C GLU A 449 27.11 13.79 9.98
N ALA A 450 27.97 14.81 10.08
CA ALA A 450 28.24 15.43 11.36
C ALA A 450 27.50 16.75 11.51
N CYS A 451 27.67 17.65 10.53
CA CYS A 451 27.12 18.99 10.66
C CYS A 451 25.62 19.02 10.44
N VAL A 452 25.10 18.06 9.68
CA VAL A 452 23.65 17.97 9.46
C VAL A 452 22.96 17.88 10.80
N ALA A 453 23.60 17.23 11.77
CA ALA A 453 23.12 17.25 13.15
C ALA A 453 23.18 18.67 13.73
N VAL A 454 24.40 19.19 13.92
CA VAL A 454 24.54 20.54 14.45
C VAL A 454 25.10 21.51 13.42
N TYR A 455 24.21 22.14 12.65
CA TYR A 455 24.52 23.38 11.92
C TYR A 455 24.77 24.55 12.87
N ALA A 456 24.85 24.31 14.17
CA ALA A 456 25.04 25.39 15.13
C ALA A 456 26.46 25.40 15.68
N GLU A 457 26.96 24.23 16.10
CA GLU A 457 28.28 24.16 16.73
C GLU A 457 29.13 22.97 16.28
N ASN A 458 29.01 22.54 15.02
CA ASN A 458 29.86 21.46 14.52
C ASN A 458 31.33 21.85 14.53
N THR A 459 31.64 23.05 14.02
CA THR A 459 33.00 23.57 13.99
C THR A 459 33.00 25.08 14.26
N GLY A 460 32.08 25.55 15.10
CA GLY A 460 31.83 26.96 15.23
C GLY A 460 30.99 27.54 14.10
N VAL A 461 30.06 26.76 13.55
CA VAL A 461 29.31 27.14 12.37
C VAL A 461 28.52 28.42 12.62
N GLY A 462 28.86 29.47 11.86
CA GLY A 462 28.04 30.67 11.90
C GLY A 462 26.82 30.56 11.01
N PHE A 463 27.01 30.06 9.80
CA PHE A 463 25.93 29.78 8.87
C PHE A 463 26.14 28.40 8.27
N GLY A 464 25.07 27.62 8.19
CA GLY A 464 25.14 26.26 7.70
C GLY A 464 25.63 26.15 6.26
N ASP A 465 25.44 27.22 5.50
CA ASP A 465 25.81 27.23 4.08
C ASP A 465 26.93 28.23 3.83
N ALA A 466 27.67 28.60 4.88
CA ALA A 466 28.68 29.64 4.73
C ALA A 466 29.90 29.11 3.98
N LEU A 467 30.64 28.19 4.59
CA LEU A 467 31.77 27.61 3.90
C LEU A 467 31.31 26.55 2.91
N VAL A 468 30.02 26.26 2.90
CA VAL A 468 29.46 25.37 1.89
C VAL A 468 29.24 26.20 0.63
N ALA A 469 30.29 26.34 -0.16
CA ALA A 469 30.26 27.06 -1.43
C ALA A 469 31.58 26.83 -2.13
N ALA A 470 31.55 26.47 -3.41
CA ALA A 470 32.78 26.24 -4.15
C ALA A 470 33.73 27.41 -3.99
N ALA A 471 34.95 27.12 -3.55
CA ALA A 471 35.91 28.18 -3.25
C ALA A 471 36.23 28.99 -4.50
N GLN A 472 36.05 28.39 -5.68
CA GLN A 472 36.22 29.09 -6.94
C GLN A 472 35.11 30.11 -7.12
N GLY A 473 33.86 29.65 -7.14
CA GLY A 473 32.72 30.54 -7.12
C GLY A 473 32.27 30.83 -5.70
N LYS A 474 33.15 31.47 -4.93
CA LYS A 474 32.99 31.60 -3.49
C LYS A 474 32.06 32.76 -3.14
N VAL A 475 31.53 32.72 -1.92
CA VAL A 475 30.67 33.78 -1.40
C VAL A 475 31.28 34.31 -0.10
N PRO A 476 32.25 35.22 -0.19
CA PRO A 476 33.01 35.65 1.00
C PRO A 476 32.16 36.26 2.10
N MET A 477 30.98 36.78 1.75
CA MET A 477 30.09 37.38 2.74
C MET A 477 29.74 36.35 3.82
N LEU A 478 29.42 35.13 3.40
CA LEU A 478 29.18 34.02 4.31
C LEU A 478 30.18 32.90 4.00
N ASN A 479 31.33 32.97 4.67
CA ASN A 479 32.27 31.85 4.70
C ASN A 479 32.90 31.74 6.08
N THR A 480 32.09 31.88 7.12
CA THR A 480 32.64 31.88 8.47
C THR A 480 33.02 30.47 8.90
N ARG A 481 32.01 29.61 9.06
CA ARG A 481 32.19 28.19 9.36
C ARG A 481 30.98 27.42 8.85
N ALA A 482 31.21 26.23 8.34
CA ALA A 482 30.14 25.39 7.81
C ALA A 482 30.48 23.92 7.96
N GLU A 483 29.81 23.07 7.18
CA GLU A 483 29.97 21.62 7.29
C GLU A 483 31.44 21.23 7.19
N LYS A 484 31.98 20.71 8.31
CA LYS A 484 33.38 20.35 8.47
C LYS A 484 34.33 21.53 8.21
N ALA A 485 33.81 22.75 8.35
CA ALA A 485 34.59 23.97 8.17
C ALA A 485 35.22 24.05 6.78
N ILE A 486 34.77 23.18 5.88
CA ILE A 486 35.25 23.17 4.51
C ILE A 486 34.13 23.22 3.48
N ALA A 487 33.21 22.26 3.52
CA ALA A 487 32.50 21.99 2.28
C ALA A 487 31.05 21.56 2.48
N GLY A 488 30.47 20.98 1.43
CA GLY A 488 29.09 20.55 1.48
C GLY A 488 28.34 20.70 0.17
N PHE A 489 28.99 21.26 -0.86
CA PHE A 489 28.39 21.31 -2.20
C PHE A 489 27.03 22.01 -2.17
N VAL A 490 27.07 23.33 -1.97
CA VAL A 490 25.83 24.10 -1.94
C VAL A 490 25.01 23.76 -3.19
N GLU A 491 23.90 23.08 -2.95
CA GLU A 491 23.09 22.54 -4.04
C GLU A 491 21.61 22.75 -3.80
N MET A 492 21.22 22.80 -2.51
CA MET A 492 19.82 22.93 -2.13
C MET A 492 19.50 24.21 -1.36
N PHE A 493 20.50 24.89 -0.79
CA PHE A 493 20.24 26.12 -0.05
C PHE A 493 19.71 27.22 -0.96
N ASP A 494 20.25 27.32 -2.17
CA ASP A 494 19.72 28.27 -3.14
C ASP A 494 18.28 27.95 -3.49
N GLU A 495 17.96 26.66 -3.65
CA GLU A 495 16.58 26.27 -3.93
C GLU A 495 15.66 26.61 -2.75
N LEU A 496 16.13 26.41 -1.52
CA LEU A 496 15.33 26.72 -0.34
C LEU A 496 15.05 28.22 -0.25
N ARG A 497 16.08 29.05 -0.44
CA ARG A 497 15.86 30.49 -0.37
C ARG A 497 15.04 31.00 -1.54
N GLY A 498 15.10 30.33 -2.70
CA GLY A 498 14.16 30.66 -3.76
C GLY A 498 12.73 30.28 -3.42
N ARG A 499 12.54 29.10 -2.83
CA ARG A 499 11.20 28.64 -2.48
C ARG A 499 10.56 29.54 -1.45
N LEU A 500 11.33 29.98 -0.46
CA LEU A 500 10.77 30.83 0.57
C LEU A 500 10.45 32.25 0.09
N ASP A 501 10.53 32.54 -1.22
CA ASP A 501 10.38 33.90 -1.70
C ASP A 501 9.32 34.10 -2.78
N ASP A 502 9.01 33.09 -3.58
CA ASP A 502 8.20 33.29 -4.78
C ASP A 502 7.08 32.26 -4.84
N ASP A 503 6.17 32.44 -5.80
CA ASP A 503 5.06 31.55 -6.04
C ASP A 503 5.53 30.29 -6.76
N LEU A 504 4.65 29.27 -6.79
CA LEU A 504 5.07 27.93 -7.16
C LEU A 504 5.54 27.85 -8.61
N GLY A 505 4.85 28.53 -9.53
CA GLY A 505 5.21 28.40 -10.93
C GLY A 505 6.57 28.97 -11.25
N GLU A 506 6.79 30.24 -10.90
CA GLU A 506 8.11 30.82 -11.10
C GLU A 506 9.15 30.13 -10.23
N LEU A 507 8.74 29.57 -9.09
CA LEU A 507 9.68 28.80 -8.28
C LEU A 507 10.21 27.58 -9.04
N VAL A 508 9.30 26.76 -9.58
CA VAL A 508 9.74 25.54 -10.25
C VAL A 508 10.53 25.90 -11.50
N GLU A 509 10.08 26.92 -12.24
CA GLU A 509 10.83 27.33 -13.43
C GLU A 509 12.21 27.87 -13.07
N ALA A 510 12.32 28.58 -11.95
CA ALA A 510 13.61 29.09 -11.52
C ALA A 510 14.54 27.97 -11.09
N VAL A 511 13.99 26.96 -10.40
CA VAL A 511 14.79 25.78 -10.07
C VAL A 511 15.26 25.09 -11.33
N LEU A 512 14.41 25.04 -12.35
CA LEU A 512 14.78 24.37 -13.59
C LEU A 512 15.90 25.13 -14.32
N GLU A 513 15.72 26.43 -14.53
CA GLU A 513 16.61 27.19 -15.41
C GLU A 513 17.46 28.22 -14.68
N ARG A 514 16.89 29.02 -13.77
CA ARG A 514 17.67 30.05 -13.11
C ARG A 514 18.81 29.43 -12.33
N THR A 515 18.50 28.43 -11.50
CA THR A 515 19.52 27.59 -10.89
C THR A 515 20.14 26.63 -11.88
N GLY A 516 19.52 26.42 -13.04
CA GLY A 516 20.09 25.58 -14.07
C GLY A 516 20.15 24.10 -13.75
N TYR A 517 19.38 23.64 -12.77
CA TYR A 517 19.45 22.23 -12.41
C TYR A 517 18.80 21.34 -13.46
N ARG A 518 17.62 21.72 -13.95
CA ARG A 518 17.15 21.00 -15.13
C ARG A 518 17.99 21.30 -16.35
N ARG A 519 18.70 22.44 -16.35
CA ARG A 519 19.74 22.65 -17.35
C ARG A 519 20.97 21.80 -17.05
N GLU A 520 21.25 21.55 -15.77
CA GLU A 520 22.23 20.53 -15.41
C GLU A 520 21.80 19.14 -15.85
N LEU A 521 20.52 18.95 -16.16
CA LEU A 521 20.00 17.69 -16.68
C LEU A 521 19.99 17.66 -18.20
N GLU A 522 19.70 18.79 -18.84
CA GLU A 522 19.54 18.88 -20.28
C GLU A 522 20.88 19.15 -20.98
N ALA A 523 21.52 20.27 -20.63
CA ALA A 523 22.79 20.62 -21.27
C ALA A 523 23.87 19.61 -20.91
N SER A 524 24.04 19.32 -19.62
CA SER A 524 24.96 18.27 -19.21
C SER A 524 24.43 16.91 -19.64
N THR A 525 25.32 16.07 -20.13
CA THR A 525 24.93 14.79 -20.73
C THR A 525 25.78 13.61 -20.26
N ASP A 526 26.95 13.83 -19.68
CA ASP A 526 27.82 12.72 -19.30
C ASP A 526 27.16 11.73 -18.33
N PRO A 527 26.52 12.17 -17.23
CA PRO A 527 25.73 11.22 -16.44
C PRO A 527 24.38 10.94 -17.08
N GLN A 528 23.55 10.14 -16.42
CA GLN A 528 22.21 9.86 -16.93
C GLN A 528 21.34 11.08 -16.71
N GLU A 529 21.54 12.11 -17.52
CA GLU A 529 21.00 13.44 -17.28
C GLU A 529 19.77 13.75 -18.12
N LEU A 530 19.77 13.36 -19.40
CA LEU A 530 18.66 13.70 -20.28
C LEU A 530 17.37 13.01 -19.85
N ALA A 531 17.48 11.79 -19.33
CA ALA A 531 16.32 11.14 -18.72
C ALA A 531 15.75 11.99 -17.59
N ARG A 532 16.63 12.60 -16.80
CA ARG A 532 16.17 13.48 -15.72
C ARG A 532 15.53 14.74 -16.29
N LEU A 533 16.06 15.26 -17.40
CA LEU A 533 15.40 16.39 -18.05
C LEU A 533 13.97 16.03 -18.42
N ASP A 534 13.79 14.85 -19.02
CA ASP A 534 12.45 14.37 -19.35
C ASP A 534 11.60 14.22 -18.09
N ASN A 535 12.20 13.69 -17.02
CA ASN A 535 11.45 13.46 -15.79
C ASN A 535 10.94 14.77 -15.19
N LEU A 536 11.78 15.80 -15.19
CA LEU A 536 11.35 17.09 -14.66
C LEU A 536 10.41 17.82 -15.60
N ASN A 537 10.51 17.58 -16.91
CA ASN A 537 9.46 18.06 -17.80
C ASN A 537 8.13 17.41 -17.45
N GLU A 538 8.14 16.12 -17.16
CA GLU A 538 6.93 15.45 -16.69
C GLU A 538 6.46 16.02 -15.36
N LEU A 539 7.40 16.38 -14.48
CA LEU A 539 7.02 16.97 -13.20
C LEU A 539 6.30 18.30 -13.40
N VAL A 540 6.85 19.15 -14.27
CA VAL A 540 6.19 20.41 -14.60
C VAL A 540 4.83 20.16 -15.23
N SER A 541 4.73 19.11 -16.06
CA SER A 541 3.44 18.75 -16.64
C SER A 541 2.45 18.34 -15.55
N VAL A 542 2.91 17.61 -14.55
CA VAL A 542 2.06 17.19 -13.44
C VAL A 542 1.61 18.39 -12.61
N ALA A 543 2.53 19.32 -12.33
CA ALA A 543 2.17 20.52 -11.60
C ALA A 543 1.16 21.35 -12.36
N HIS A 544 1.09 21.18 -13.68
CA HIS A 544 0.13 21.87 -14.52
C HIS A 544 -0.89 20.85 -15.03
N GLU A 545 -1.75 21.25 -15.97
CA GLU A 545 -2.75 20.34 -16.51
C GLU A 545 -2.17 19.52 -17.64
N PHE A 546 -1.92 18.23 -17.37
CA PHE A 546 -1.41 17.35 -18.42
C PHE A 546 -2.15 16.03 -18.54
N SER A 547 -2.81 15.57 -17.48
CA SER A 547 -3.58 14.34 -17.57
C SER A 547 -4.74 14.50 -18.55
N THR A 548 -5.12 13.40 -19.17
CA THR A 548 -6.10 13.42 -20.26
C THR A 548 -7.44 12.86 -19.79
N ASP A 549 -8.50 13.58 -20.13
CA ASP A 549 -9.89 13.15 -19.93
C ASP A 549 -10.22 12.86 -18.47
N ARG A 550 -9.35 13.30 -17.55
CA ARG A 550 -9.57 13.09 -16.13
C ARG A 550 -9.00 14.27 -15.36
N GLU A 551 -9.80 14.81 -14.45
CA GLU A 551 -9.45 16.00 -13.68
C GLU A 551 -9.46 15.66 -12.19
N ASN A 552 -8.43 16.12 -11.48
CA ASN A 552 -8.30 15.89 -10.05
C ASN A 552 -9.08 16.98 -9.33
N ALA A 553 -10.31 16.65 -8.91
CA ALA A 553 -11.21 17.58 -8.21
C ALA A 553 -11.40 18.81 -9.08
N ALA A 554 -11.36 20.02 -8.53
CA ALA A 554 -11.47 21.24 -9.30
C ALA A 554 -10.12 21.83 -9.68
N ALA A 555 -9.02 21.17 -9.32
CA ALA A 555 -7.68 21.67 -9.63
C ALA A 555 -6.75 20.46 -9.70
N LEU A 556 -6.41 20.04 -10.92
CA LEU A 556 -5.47 18.94 -11.09
C LEU A 556 -4.10 19.31 -10.55
N GLY A 557 -3.46 20.29 -11.19
CA GLY A 557 -2.22 20.82 -10.69
C GLY A 557 -2.44 21.73 -9.50
N PRO A 558 -1.39 21.96 -8.70
CA PRO A 558 -1.51 22.85 -7.54
C PRO A 558 -1.84 24.29 -7.90
N ASP A 559 -1.62 24.71 -9.14
CA ASP A 559 -1.84 26.08 -9.56
C ASP A 559 -3.13 26.27 -10.36
N ASP A 560 -3.96 25.25 -10.47
CA ASP A 560 -5.18 25.34 -11.27
C ASP A 560 -6.21 26.15 -10.50
N GLU A 561 -6.07 27.48 -10.54
CA GLU A 561 -6.94 28.39 -9.81
C GLU A 561 -8.17 28.80 -10.61
N ASP A 562 -8.57 27.99 -11.59
CA ASP A 562 -9.79 28.28 -12.34
C ASP A 562 -11.00 28.30 -11.40
N VAL A 563 -11.07 27.32 -10.50
CA VAL A 563 -12.07 27.30 -9.43
C VAL A 563 -11.41 26.59 -8.24
N PRO A 564 -10.45 27.23 -7.58
CA PRO A 564 -9.70 26.54 -6.53
C PRO A 564 -10.55 26.27 -5.31
N ASP A 565 -10.28 25.12 -4.67
CA ASP A 565 -11.01 24.69 -3.49
C ASP A 565 -10.04 24.24 -2.42
N THR A 566 -10.46 24.37 -1.16
CA THR A 566 -9.69 23.92 0.00
C THR A 566 -8.31 24.59 0.03
N GLY A 567 -8.34 25.89 0.29
CA GLY A 567 -7.13 26.68 0.45
C GLY A 567 -6.17 26.14 1.48
N VAL A 568 -6.65 25.22 2.32
CA VAL A 568 -5.78 24.54 3.27
C VAL A 568 -4.71 23.76 2.50
N LEU A 569 -3.47 23.87 2.97
CA LEU A 569 -2.34 23.29 2.26
C LEU A 569 -2.37 21.77 2.24
N ALA A 570 -3.12 21.15 3.15
CA ALA A 570 -3.08 19.70 3.30
C ALA A 570 -3.55 18.98 2.04
N ASP A 571 -4.72 19.37 1.52
CA ASP A 571 -5.28 18.68 0.36
C ASP A 571 -4.41 18.90 -0.88
N PHE A 572 -3.94 20.14 -1.09
CA PHE A 572 -3.04 20.40 -2.20
C PHE A 572 -1.79 19.55 -2.10
N LEU A 573 -1.18 19.49 -0.92
CA LEU A 573 0.05 18.75 -0.74
C LEU A 573 -0.15 17.25 -0.97
N GLU A 574 -1.25 16.69 -0.46
CA GLU A 574 -1.48 15.26 -0.67
C GLU A 574 -1.77 14.97 -2.13
N ARG A 575 -2.58 15.81 -2.79
CA ARG A 575 -2.89 15.55 -4.20
C ARG A 575 -1.70 15.77 -5.12
N VAL A 576 -0.67 16.49 -4.66
CA VAL A 576 0.53 16.60 -5.48
C VAL A 576 1.58 15.57 -5.08
N SER A 577 1.52 15.01 -3.88
CA SER A 577 2.57 14.13 -3.38
C SER A 577 2.19 12.65 -3.36
N LEU A 578 0.94 12.30 -3.67
CA LEU A 578 0.53 10.91 -3.74
C LEU A 578 0.53 10.35 -5.16
N VAL A 579 1.50 10.74 -5.98
CA VAL A 579 1.67 10.22 -7.32
C VAL A 579 2.53 8.96 -7.22
N ALA A 580 1.88 7.80 -7.30
CA ALA A 580 2.57 6.52 -7.15
C ALA A 580 2.52 5.66 -8.42
N ASP A 581 1.33 5.34 -8.92
CA ASP A 581 1.18 4.42 -10.04
C ASP A 581 -0.20 4.60 -10.65
N ALA A 582 -0.40 4.03 -11.84
CA ALA A 582 -1.65 4.16 -12.55
C ALA A 582 -1.76 3.03 -13.58
N ASP A 583 -2.97 2.87 -14.13
CA ASP A 583 -3.26 1.91 -15.18
C ASP A 583 -4.49 2.41 -15.94
N GLU A 584 -4.43 2.31 -17.27
CA GLU A 584 -5.43 3.03 -18.06
C GLU A 584 -6.27 2.13 -18.97
N ILE A 585 -5.66 1.17 -19.65
CA ILE A 585 -6.41 0.37 -20.64
C ILE A 585 -7.49 -0.44 -19.93
N PRO A 586 -8.74 -0.41 -20.39
CA PRO A 586 -9.87 -0.87 -19.57
C PRO A 586 -9.93 -2.36 -19.27
N GLU A 587 -10.92 -2.74 -18.47
CA GLU A 587 -11.03 -4.11 -17.97
C GLU A 587 -11.23 -5.11 -19.09
N HIS A 588 -12.05 -4.77 -20.08
CA HIS A 588 -12.30 -5.69 -21.18
C HIS A 588 -11.03 -6.01 -21.95
N GLY A 589 -10.06 -5.10 -21.93
CA GLY A 589 -8.76 -5.33 -22.53
C GLY A 589 -7.74 -5.93 -21.59
N ALA A 590 -7.83 -7.23 -21.30
CA ALA A 590 -7.01 -7.86 -20.26
C ALA A 590 -5.91 -8.77 -20.79
N GLY A 591 -5.65 -8.80 -22.10
CA GLY A 591 -4.82 -9.84 -22.68
C GLY A 591 -3.37 -9.80 -22.23
N VAL A 592 -2.80 -8.62 -22.11
CA VAL A 592 -1.38 -8.53 -21.75
C VAL A 592 -1.17 -9.09 -20.36
N VAL A 593 -0.25 -10.06 -20.24
CA VAL A 593 0.09 -10.63 -18.95
C VAL A 593 0.81 -9.58 -18.14
N THR A 594 0.14 -9.06 -17.11
CA THR A 594 0.76 -8.10 -16.21
C THR A 594 1.64 -8.84 -15.21
N LEU A 595 2.87 -8.38 -15.06
CA LEU A 595 3.85 -9.01 -14.17
C LEU A 595 3.91 -8.18 -12.90
N MET A 596 3.13 -8.59 -11.91
CA MET A 596 2.92 -7.81 -10.70
C MET A 596 3.06 -8.71 -9.47
N THR A 597 3.36 -8.11 -8.33
CA THR A 597 3.54 -8.83 -7.08
C THR A 597 2.26 -8.80 -6.25
N LEU A 598 2.24 -9.65 -5.22
CA LEU A 598 1.08 -9.74 -4.33
C LEU A 598 0.91 -8.50 -3.47
N HIS A 599 1.96 -7.69 -3.31
CA HIS A 599 1.90 -6.51 -2.48
C HIS A 599 1.46 -5.27 -3.26
N THR A 600 1.16 -5.42 -4.55
CA THR A 600 0.52 -4.34 -5.30
C THR A 600 -0.96 -4.62 -5.51
N ALA A 601 -1.34 -5.90 -5.50
CA ALA A 601 -2.73 -6.32 -5.68
C ALA A 601 -3.33 -6.85 -4.38
N LYS A 602 -3.02 -6.17 -3.27
CA LYS A 602 -3.51 -6.61 -1.97
C LYS A 602 -5.03 -6.58 -1.91
N GLY A 603 -5.67 -5.77 -2.77
CA GLY A 603 -7.11 -5.66 -2.76
C GLY A 603 -7.75 -5.64 -4.15
N LEU A 604 -7.16 -6.36 -5.10
CA LEU A 604 -7.63 -6.36 -6.48
C LEU A 604 -8.04 -7.77 -6.89
N GLU A 605 -9.08 -7.84 -7.72
CA GLU A 605 -9.59 -9.10 -8.25
C GLU A 605 -9.67 -9.02 -9.77
N PHE A 606 -9.63 -10.19 -10.42
CA PHE A 606 -9.68 -10.28 -11.87
C PHE A 606 -10.59 -11.42 -12.31
N PRO A 607 -11.30 -11.25 -13.42
CA PRO A 607 -12.24 -12.30 -13.87
C PRO A 607 -11.54 -13.57 -14.35
N VAL A 608 -10.59 -13.44 -15.27
CA VAL A 608 -9.93 -14.59 -15.88
C VAL A 608 -8.43 -14.42 -15.70
N VAL A 609 -7.76 -15.43 -15.15
CA VAL A 609 -6.34 -15.40 -14.87
C VAL A 609 -5.72 -16.75 -15.18
N PHE A 610 -4.54 -16.73 -15.82
CA PHE A 610 -3.62 -17.85 -15.83
C PHE A 610 -2.54 -17.59 -14.80
N VAL A 611 -2.25 -18.61 -13.99
CA VAL A 611 -1.24 -18.50 -12.93
C VAL A 611 -0.09 -19.42 -13.32
N THR A 612 0.99 -18.83 -13.84
CA THR A 612 2.10 -19.62 -14.36
C THR A 612 3.04 -20.01 -13.23
N GLY A 613 3.07 -21.30 -12.90
CA GLY A 613 4.04 -21.80 -11.95
C GLY A 613 3.54 -22.00 -10.54
N TRP A 614 2.26 -22.31 -10.35
CA TRP A 614 1.76 -22.62 -9.01
C TRP A 614 2.33 -23.98 -8.61
N GLU A 615 3.34 -23.97 -7.75
CA GLU A 615 4.12 -25.16 -7.47
C GLU A 615 4.57 -25.18 -6.02
N ASP A 616 4.93 -26.36 -5.53
CA ASP A 616 5.27 -26.56 -4.13
C ASP A 616 6.62 -25.96 -3.82
N GLY A 617 6.63 -24.69 -3.43
CA GLY A 617 7.87 -24.02 -3.09
C GLY A 617 7.93 -22.56 -3.49
N MET A 618 7.00 -22.12 -4.34
CA MET A 618 6.97 -20.73 -4.79
C MET A 618 5.74 -19.98 -4.29
N PHE A 619 4.54 -20.46 -4.60
CA PHE A 619 3.34 -19.80 -4.12
C PHE A 619 3.14 -20.15 -2.65
N PRO A 620 3.46 -21.37 -2.21
CA PRO A 620 3.93 -21.53 -0.84
C PRO A 620 5.25 -20.80 -0.72
N HIS A 621 5.29 -19.71 0.04
CA HIS A 621 6.41 -18.78 0.00
C HIS A 621 7.73 -19.48 0.28
N MET A 622 8.77 -19.07 -0.44
CA MET A 622 10.10 -19.57 -0.15
C MET A 622 10.48 -19.28 1.29
N ARG A 623 10.14 -18.08 1.76
CA ARG A 623 10.25 -17.76 3.18
C ARG A 623 9.37 -18.69 4.02
N ALA A 624 8.12 -18.88 3.59
CA ALA A 624 7.20 -19.76 4.30
C ALA A 624 7.49 -21.24 4.07
N LEU A 625 8.40 -21.58 3.15
CA LEU A 625 8.80 -22.97 2.98
C LEU A 625 9.35 -23.54 4.28
N ASP A 626 10.02 -22.70 5.08
CA ASP A 626 10.49 -23.09 6.39
C ASP A 626 9.84 -22.30 7.52
N ASN A 627 9.11 -21.22 7.23
CA ASN A 627 8.45 -20.42 8.26
C ASN A 627 7.06 -20.96 8.51
N PRO A 628 6.78 -21.52 9.69
CA PRO A 628 5.48 -22.15 9.92
C PRO A 628 4.33 -21.17 10.01
N THR A 629 4.50 -20.07 10.76
CA THR A 629 3.44 -19.08 10.82
C THR A 629 3.20 -18.45 9.45
N GLU A 630 4.26 -18.13 8.72
CA GLU A 630 4.09 -17.68 7.36
C GLU A 630 3.65 -18.79 6.43
N LEU A 631 3.90 -20.06 6.77
CA LEU A 631 3.32 -21.15 6.00
C LEU A 631 1.80 -21.13 6.08
N SER A 632 1.27 -20.92 7.29
CA SER A 632 -0.17 -20.75 7.45
C SER A 632 -0.65 -19.48 6.75
N GLU A 633 0.15 -18.41 6.83
CA GLU A 633 -0.21 -17.16 6.17
C GLU A 633 -0.33 -17.35 4.66
N GLU A 634 0.61 -18.06 4.05
CA GLU A 634 0.55 -18.30 2.61
C GLU A 634 -0.44 -19.38 2.22
N ARG A 635 -0.79 -20.28 3.14
CA ARG A 635 -1.92 -21.17 2.89
C ARG A 635 -3.21 -20.37 2.78
N ARG A 636 -3.41 -19.43 3.73
CA ARG A 636 -4.54 -18.52 3.60
C ARG A 636 -4.39 -17.57 2.42
N LEU A 637 -3.17 -17.31 1.98
CA LEU A 637 -2.97 -16.50 0.77
C LEU A 637 -3.42 -17.27 -0.47
N ALA A 638 -3.11 -18.56 -0.53
CA ALA A 638 -3.69 -19.41 -1.57
C ALA A 638 -5.21 -19.39 -1.48
N TYR A 639 -5.74 -19.45 -0.26
CA TYR A 639 -7.18 -19.37 -0.05
C TYR A 639 -7.75 -18.09 -0.67
N VAL A 640 -7.15 -16.94 -0.35
CA VAL A 640 -7.71 -15.67 -0.82
C VAL A 640 -7.53 -15.54 -2.34
N GLY A 641 -6.39 -15.97 -2.87
CA GLY A 641 -6.21 -15.92 -4.31
C GLY A 641 -7.21 -16.78 -5.05
N ILE A 642 -7.58 -17.92 -4.45
CA ILE A 642 -8.59 -18.78 -5.06
C ILE A 642 -9.97 -18.13 -4.96
N THR A 643 -10.31 -17.61 -3.78
CA THR A 643 -11.68 -17.19 -3.51
C THR A 643 -12.01 -15.79 -4.02
N ARG A 644 -11.02 -14.96 -4.33
CA ARG A 644 -11.32 -13.63 -4.85
C ARG A 644 -11.67 -13.63 -6.33
N ALA A 645 -11.50 -14.76 -7.02
CA ALA A 645 -11.93 -14.87 -8.41
C ALA A 645 -13.46 -14.87 -8.47
N ARG A 646 -13.98 -14.70 -9.68
CA ARG A 646 -15.42 -14.59 -9.88
C ARG A 646 -16.00 -15.80 -10.61
N GLN A 647 -15.51 -16.12 -11.81
CA GLN A 647 -16.04 -17.22 -12.58
C GLN A 647 -14.97 -18.16 -13.10
N ARG A 648 -13.82 -17.64 -13.54
CA ARG A 648 -12.88 -18.40 -14.35
C ARG A 648 -11.47 -18.12 -13.88
N LEU A 649 -10.93 -19.00 -13.03
CA LEU A 649 -9.58 -18.87 -12.51
C LEU A 649 -8.77 -20.12 -12.87
N TYR A 650 -7.58 -19.91 -13.42
CA TYR A 650 -6.75 -20.99 -13.92
C TYR A 650 -5.32 -20.82 -13.42
N VAL A 651 -4.57 -21.93 -13.41
CA VAL A 651 -3.22 -21.98 -12.86
C VAL A 651 -2.28 -22.64 -13.87
N SER A 652 -1.04 -22.88 -13.45
CA SER A 652 -0.08 -23.66 -14.24
C SER A 652 1.08 -24.04 -13.34
N ARG A 653 1.91 -24.96 -13.83
CA ARG A 653 3.09 -25.43 -13.10
C ARG A 653 4.36 -25.26 -13.94
N ALA A 654 5.44 -24.82 -13.28
CA ALA A 654 6.75 -24.67 -13.90
C ALA A 654 7.78 -25.35 -12.99
N ILE A 655 8.17 -26.57 -13.34
CA ILE A 655 9.01 -27.37 -12.45
C ILE A 655 10.37 -26.71 -12.24
N VAL A 656 11.02 -26.28 -13.32
CA VAL A 656 12.36 -25.74 -13.26
C VAL A 656 12.29 -24.23 -13.12
N ARG A 657 12.92 -23.70 -12.06
CA ARG A 657 12.97 -22.27 -11.80
C ARG A 657 14.40 -21.91 -11.42
N SER A 658 15.10 -21.23 -12.32
CA SER A 658 16.51 -20.88 -12.12
C SER A 658 16.59 -19.49 -11.49
N SER A 659 16.79 -19.44 -10.18
CA SER A 659 16.95 -18.17 -9.48
C SER A 659 18.35 -17.62 -9.70
N TRP A 660 18.60 -16.43 -9.17
CA TRP A 660 19.92 -15.81 -9.36
C TRP A 660 21.00 -16.59 -8.62
N GLY A 661 20.75 -16.95 -7.35
CA GLY A 661 21.72 -17.68 -6.58
C GLY A 661 21.90 -19.10 -7.05
N GLN A 662 20.87 -19.92 -6.89
CA GLN A 662 20.85 -21.29 -7.37
C GLN A 662 19.45 -21.65 -7.83
N PRO A 663 19.34 -22.49 -8.86
CA PRO A 663 18.00 -22.90 -9.33
C PRO A 663 17.31 -23.78 -8.29
N MET A 664 16.00 -23.60 -8.15
CA MET A 664 15.18 -24.43 -7.27
C MET A 664 13.99 -24.97 -8.04
N LEU A 665 13.58 -26.19 -7.70
CA LEU A 665 12.56 -26.91 -8.44
C LEU A 665 11.42 -27.31 -7.52
N ASN A 666 10.23 -27.47 -8.10
CA ASN A 666 9.05 -27.85 -7.36
C ASN A 666 8.21 -28.79 -8.21
N PRO A 667 7.42 -29.67 -7.59
CA PRO A 667 6.32 -30.32 -8.31
C PRO A 667 5.06 -29.49 -8.21
N GLU A 668 3.94 -30.00 -8.71
CA GLU A 668 2.67 -29.31 -8.48
C GLU A 668 2.43 -29.16 -6.98
N SER A 669 1.86 -28.02 -6.60
CA SER A 669 1.91 -27.58 -5.21
C SER A 669 1.06 -28.48 -4.31
N ARG A 670 1.40 -28.46 -3.02
CA ARG A 670 0.56 -29.12 -2.03
C ARG A 670 -0.81 -28.46 -1.94
N PHE A 671 -0.87 -27.14 -2.11
CA PHE A 671 -2.15 -26.46 -2.11
C PHE A 671 -3.02 -26.94 -3.27
N LEU A 672 -2.40 -27.26 -4.40
CA LEU A 672 -3.13 -27.82 -5.53
C LEU A 672 -3.77 -29.16 -5.15
N ARG A 673 -2.94 -30.14 -4.81
CA ARG A 673 -3.45 -31.47 -4.50
C ARG A 673 -4.38 -31.47 -3.29
N GLU A 674 -4.32 -30.43 -2.46
CA GLU A 674 -5.30 -30.26 -1.41
C GLU A 674 -6.71 -30.15 -2.00
N ILE A 675 -6.83 -29.37 -3.07
CA ILE A 675 -8.06 -29.30 -3.87
C ILE A 675 -8.11 -30.57 -4.71
N PRO A 676 -9.30 -31.12 -4.99
CA PRO A 676 -9.37 -32.32 -5.84
C PRO A 676 -8.70 -32.10 -7.19
N GLN A 677 -8.04 -33.15 -7.69
CA GLN A 677 -7.28 -33.04 -8.92
C GLN A 677 -8.17 -32.71 -10.11
N GLU A 678 -9.41 -33.19 -10.12
CA GLU A 678 -10.34 -32.78 -11.17
C GLU A 678 -10.61 -31.29 -11.09
N LEU A 679 -10.75 -30.76 -9.86
CA LEU A 679 -10.96 -29.32 -9.70
C LEU A 679 -9.76 -28.53 -10.19
N ILE A 680 -8.57 -28.96 -9.84
CA ILE A 680 -7.34 -28.33 -10.36
C ILE A 680 -7.04 -29.05 -11.67
N ASP A 681 -7.73 -28.63 -12.71
CA ASP A 681 -7.55 -29.26 -14.01
C ASP A 681 -6.24 -28.79 -14.63
N TRP A 682 -5.81 -29.49 -15.68
CA TRP A 682 -4.73 -28.97 -16.50
C TRP A 682 -4.90 -29.31 -17.97
N ARG A 683 -6.14 -29.53 -18.43
CA ARG A 683 -6.34 -30.04 -19.78
C ARG A 683 -7.48 -29.40 -20.56
N ARG A 684 -8.26 -28.49 -19.98
CA ARG A 684 -9.39 -27.91 -20.71
C ARG A 684 -9.02 -26.62 -21.43
N THR A 685 -8.61 -25.60 -20.68
CA THR A 685 -8.28 -24.31 -21.25
C THR A 685 -6.78 -24.11 -21.41
N ALA A 686 -6.00 -25.20 -21.32
CA ALA A 686 -4.59 -25.18 -21.67
C ALA A 686 -4.29 -26.32 -22.66
N PRO A 687 -4.95 -26.33 -23.83
CA PRO A 687 -4.58 -27.32 -24.85
C PRO A 687 -3.44 -26.83 -25.71
N LYS A 688 -3.12 -27.55 -26.78
CA LYS A 688 -2.14 -27.07 -27.72
C LYS A 688 -2.61 -25.75 -28.32
N PRO A 689 -1.80 -24.68 -28.24
CA PRO A 689 -2.19 -23.36 -28.74
C PRO A 689 -2.19 -23.29 -30.27
#